data_2GHB
#
_entry.id   2GHB
#
_cell.length_a   73.040
_cell.length_b   106.230
_cell.length_c   186.040
_cell.angle_alpha   90.00
_cell.angle_beta   90.00
_cell.angle_gamma   90.00
#
_symmetry.space_group_name_H-M   'P 21 21 21'
#
loop_
_entity.id
_entity.type
_entity.pdbx_description
1 polymer 'maltose ABC transporter, periplasmic maltose-binding protein'
2 water water
#
_entity_poly.entity_id   1
_entity_poly.type   'polypeptide(L)'
_entity_poly.pdbx_seq_one_letter_code
;MQPKLTIWCSEKQVDILQKLGEEFKAKYGVEVEVQYVNFQDIKSKFLTAAPEGQGADIIVGAHDWVGELAVNGLIEPIPN
FSDLKNFYETALNAFSYGGKLYGIPYAMEAIALIYNKDYVPEPPKTMDELIEIAKQIDEEFGGEVRGFITSAAEFYYIAP
FIFGYGGYVFKQTEKGLDVNDIGLANEGAIKGVKLLKRLVDEGILDPSDNYQIMDSMFREGQAAMIINGPWAIKAYKDAG
IDYGVAPIPDLEPGVPARPFVGVQGFMVNAKSPNKLLAIEFLTSFIAKKETMYRIYLGDPRLPSRKDVLELVKDNPDVVG
FTLSAANGIPMPNVPQMAAVWAAMNDALNLVVNGKATVEEALKNAVERIKAQIQGSHHHHHH
;
_entity_poly.pdbx_strand_id   A,B,C
#
# COMPACT_ATOMS: atom_id res chain seq x y z
N GLN A 2 -8.09 26.27 44.11
CA GLN A 2 -8.30 26.28 42.61
C GLN A 2 -6.97 26.02 41.87
N PRO A 3 -6.67 24.75 41.57
CA PRO A 3 -5.40 24.50 40.89
C PRO A 3 -5.47 24.92 39.42
N LYS A 4 -4.49 25.68 38.94
CA LYS A 4 -4.50 26.13 37.53
C LYS A 4 -3.16 26.02 36.77
N LEU A 5 -3.27 26.03 35.44
CA LEU A 5 -2.09 26.11 34.56
C LEU A 5 -2.20 27.36 33.75
N THR A 6 -1.08 28.07 33.64
CA THR A 6 -0.97 29.22 32.83
C THR A 6 -0.09 28.85 31.61
N ILE A 7 -0.50 29.32 30.43
CA ILE A 7 0.21 29.06 29.19
C ILE A 7 0.43 30.39 28.51
N TRP A 8 1.67 30.65 28.11
CA TRP A 8 1.99 31.77 27.23
C TRP A 8 2.14 31.22 25.82
N CYS A 9 1.34 31.74 24.89
CA CYS A 9 1.25 31.15 23.56
C CYS A 9 1.24 32.25 22.49
N SER A 10 1.17 31.86 21.22
CA SER A 10 1.07 32.85 20.14
C SER A 10 -0.37 33.27 19.90
N GLU A 11 -0.56 34.35 19.14
CA GLU A 11 -1.88 34.95 19.00
C GLU A 11 -2.84 34.01 18.31
N LYS A 12 -2.33 33.33 17.29
CA LYS A 12 -3.10 32.36 16.51
C LYS A 12 -3.29 31.00 17.17
N GLN A 13 -2.90 30.86 18.44
CA GLN A 13 -3.13 29.65 19.25
C GLN A 13 -4.13 29.84 20.41
N VAL A 14 -4.49 31.07 20.68
CA VAL A 14 -5.23 31.40 21.91
C VAL A 14 -6.54 30.67 21.98
N ASP A 15 -7.34 30.81 20.92
CA ASP A 15 -8.67 30.28 20.91
C ASP A 15 -8.61 28.76 20.97
N ILE A 16 -7.69 28.15 20.22
CA ILE A 16 -7.54 26.68 20.22
C ILE A 16 -7.17 26.17 21.64
N LEU A 17 -6.17 26.80 22.22
CA LEU A 17 -5.70 26.43 23.57
C LEU A 17 -6.73 26.72 24.67
N GLN A 18 -7.46 27.84 24.56
CA GLN A 18 -8.59 28.11 25.48
CA GLN A 18 -8.60 28.11 25.47
C GLN A 18 -9.61 26.96 25.42
N LYS A 19 -10.08 26.59 24.22
CA LYS A 19 -11.07 25.50 24.13
C LYS A 19 -10.52 24.15 24.67
N LEU A 20 -9.28 23.84 24.31
CA LEU A 20 -8.63 22.62 24.76
C LEU A 20 -8.47 22.58 26.30
N GLY A 21 -8.15 23.74 26.89
CA GLY A 21 -8.01 23.82 28.33
C GLY A 21 -9.33 23.57 29.08
N GLU A 22 -10.42 23.96 28.43
CA GLU A 22 -11.76 23.74 28.95
C GLU A 22 -12.03 22.24 29.00
N GLU A 23 -11.67 21.51 27.94
CA GLU A 23 -11.69 20.05 27.97
C GLU A 23 -10.83 19.48 29.09
N PHE A 24 -9.64 20.05 29.26
CA PHE A 24 -8.75 19.61 30.35
C PHE A 24 -9.40 19.86 31.71
N LYS A 25 -10.06 21.00 31.87
CA LYS A 25 -10.71 21.34 33.15
C LYS A 25 -11.81 20.35 33.49
N ALA A 26 -12.59 19.97 32.48
CA ALA A 26 -13.66 18.98 32.61
C ALA A 26 -13.16 17.56 32.92
N LYS A 27 -11.99 17.20 32.40
CA LYS A 27 -11.42 15.86 32.64
C LYS A 27 -10.55 15.79 33.89
N TYR A 28 -9.95 16.89 34.29
CA TYR A 28 -8.93 16.88 35.35
C TYR A 28 -9.13 17.92 36.45
N GLY A 29 -10.14 18.77 36.31
CA GLY A 29 -10.47 19.75 37.34
C GLY A 29 -9.54 20.93 37.37
N VAL A 30 -8.59 21.00 36.41
CA VAL A 30 -7.59 22.06 36.41
C VAL A 30 -8.03 23.16 35.46
N GLU A 31 -8.13 24.39 35.96
CA GLU A 31 -8.39 25.59 35.10
C GLU A 31 -7.15 25.93 34.26
N VAL A 32 -7.35 26.23 32.98
CA VAL A 32 -6.23 26.59 32.10
C VAL A 32 -6.38 28.03 31.64
N GLU A 33 -5.50 28.88 32.13
CA GLU A 33 -5.49 30.29 31.79
C GLU A 33 -4.51 30.46 30.62
N VAL A 34 -4.92 31.15 29.56
CA VAL A 34 -4.19 31.18 28.29
C VAL A 34 -3.96 32.61 27.87
N GLN A 35 -2.71 32.96 27.62
CA GLN A 35 -2.29 34.36 27.40
C GLN A 35 -1.36 34.50 26.17
N TYR A 36 -1.70 35.36 25.23
CA TYR A 36 -0.80 35.68 24.12
C TYR A 36 0.37 36.52 24.64
N VAL A 37 1.58 36.04 24.39
CA VAL A 37 2.81 36.78 24.64
C VAL A 37 3.65 36.65 23.36
N ASN A 38 4.04 37.80 22.83
CA ASN A 38 5.10 37.97 21.81
C ASN A 38 6.33 37.04 22.01
N PHE A 39 6.79 36.37 20.95
CA PHE A 39 7.97 35.49 21.04
C PHE A 39 9.15 36.12 21.80
N GLN A 40 9.49 37.37 21.48
CA GLN A 40 10.62 38.07 22.14
C GLN A 40 10.39 38.25 23.63
N ASP A 41 9.18 38.68 24.00
CA ASP A 41 8.87 38.87 25.39
C ASP A 41 8.85 37.55 26.16
N ILE A 42 8.71 36.42 25.46
CA ILE A 42 8.59 35.14 26.17
C ILE A 42 9.94 34.67 26.69
N LYS A 43 10.97 34.68 25.84
CA LYS A 43 12.28 34.18 26.28
C LYS A 43 12.76 35.05 27.45
N SER A 44 12.76 36.35 27.24
CA SER A 44 13.29 37.30 28.22
C SER A 44 12.48 37.25 29.53
N LYS A 45 11.15 37.38 29.47
CA LYS A 45 10.33 37.28 30.69
C LYS A 45 10.37 35.92 31.36
N PHE A 46 10.56 34.85 30.61
CA PHE A 46 10.70 33.55 31.21
C PHE A 46 12.00 33.42 32.02
N LEU A 47 13.10 33.95 31.46
CA LEU A 47 14.41 33.88 32.11
C LEU A 47 14.41 34.63 33.45
N THR A 48 13.74 35.75 33.52
CA THR A 48 13.62 36.53 34.75
C THR A 48 12.51 36.06 35.74
N ALA A 49 11.35 35.64 35.23
CA ALA A 49 10.22 35.29 36.09
C ALA A 49 10.25 33.86 36.61
N ALA A 50 10.69 32.93 35.76
CA ALA A 50 10.67 31.51 36.13
C ALA A 50 11.52 31.20 37.38
N PRO A 51 12.73 31.80 37.47
CA PRO A 51 13.53 31.63 38.69
C PRO A 51 12.83 32.16 39.99
N GLU A 52 11.95 33.15 39.86
CA GLU A 52 11.19 33.66 41.01
C GLU A 52 9.79 33.01 41.23
N GLY A 53 9.51 31.87 40.57
CA GLY A 53 8.22 31.21 40.66
C GLY A 53 7.06 31.92 39.97
N GLN A 54 7.38 32.84 39.07
CA GLN A 54 6.34 33.53 38.31
C GLN A 54 6.32 33.18 36.81
N GLY A 55 6.95 32.07 36.45
CA GLY A 55 6.92 31.60 35.08
C GLY A 55 5.62 30.87 34.78
N ALA A 56 5.07 31.11 33.59
CA ALA A 56 3.96 30.29 33.08
C ALA A 56 4.33 28.85 33.18
N ASP A 57 3.34 27.98 33.29
CA ASP A 57 3.58 26.55 33.46
C ASP A 57 4.00 25.87 32.12
N ILE A 58 3.44 26.38 31.05
CA ILE A 58 3.78 25.96 29.68
C ILE A 58 4.03 27.21 28.87
N ILE A 59 5.09 27.20 28.07
CA ILE A 59 5.38 28.29 27.13
C ILE A 59 5.61 27.75 25.74
N VAL A 60 5.41 28.62 24.75
CA VAL A 60 5.81 28.36 23.38
CA VAL A 60 5.83 28.36 23.38
C VAL A 60 7.16 29.07 23.16
N GLY A 61 7.94 28.60 22.20
CA GLY A 61 9.23 29.23 21.94
C GLY A 61 10.01 28.55 20.84
N ALA A 62 11.19 29.07 20.56
CA ALA A 62 12.05 28.53 19.51
C ALA A 62 12.91 27.42 20.08
N HIS A 63 13.12 26.38 19.28
CA HIS A 63 13.97 25.28 19.69
C HIS A 63 15.40 25.77 20.04
N ASP A 64 15.79 26.93 19.52
CA ASP A 64 17.14 27.50 19.72
C ASP A 64 17.39 27.78 21.23
N TRP A 65 16.30 28.01 21.96
CA TRP A 65 16.38 28.33 23.39
C TRP A 65 16.59 27.10 24.27
N VAL A 66 16.43 25.90 23.73
CA VAL A 66 16.39 24.70 24.56
C VAL A 66 17.69 24.50 25.39
N GLY A 67 18.86 24.68 24.78
CA GLY A 67 20.13 24.38 25.46
C GLY A 67 20.31 25.24 26.71
N GLU A 68 20.14 26.54 26.55
CA GLU A 68 20.17 27.49 27.65
C GLU A 68 19.11 27.18 28.71
N LEU A 69 17.84 27.04 28.29
CA LEU A 69 16.77 26.76 29.24
C LEU A 69 16.99 25.45 29.99
N ALA A 70 17.52 24.44 29.30
CA ALA A 70 17.68 23.14 29.91
C ALA A 70 18.83 23.15 30.93
N VAL A 71 19.96 23.79 30.61
CA VAL A 71 21.14 23.79 31.50
C VAL A 71 20.92 24.67 32.72
N ASN A 72 20.11 25.71 32.56
CA ASN A 72 19.70 26.56 33.67
C ASN A 72 18.57 25.96 34.52
N GLY A 73 18.14 24.76 34.16
CA GLY A 73 17.11 24.02 34.89
C GLY A 73 15.70 24.60 34.87
N LEU A 74 15.32 25.25 33.78
CA LEU A 74 14.06 26.00 33.76
C LEU A 74 12.95 25.30 32.95
N ILE A 75 13.31 24.31 32.15
CA ILE A 75 12.32 23.55 31.43
C ILE A 75 12.52 22.11 31.75
N GLU A 76 11.42 21.39 31.73
CA GLU A 76 11.35 20.02 32.22
C GLU A 76 11.51 19.02 31.08
N PRO A 77 12.29 17.96 31.30
CA PRO A 77 12.27 16.83 30.35
C PRO A 77 10.86 16.24 30.16
N ILE A 78 10.55 15.83 28.92
CA ILE A 78 9.27 15.27 28.56
C ILE A 78 9.45 13.76 28.43
N PRO A 79 8.81 12.99 29.31
CA PRO A 79 9.03 11.57 29.24
C PRO A 79 8.46 11.03 27.93
N ASN A 80 9.04 9.92 27.47
CA ASN A 80 8.61 9.32 26.23
C ASN A 80 7.16 8.84 26.31
N PHE A 81 6.47 8.90 25.17
CA PHE A 81 5.16 8.32 25.01
C PHE A 81 5.03 7.87 23.56
N SER A 82 4.13 6.92 23.31
CA SER A 82 4.10 6.22 22.02
C SER A 82 3.71 7.12 20.82
N ASP A 83 2.83 8.08 21.05
CA ASP A 83 2.36 8.99 20.00
C ASP A 83 3.50 9.83 19.37
N LEU A 84 4.66 9.88 20.03
CA LEU A 84 5.83 10.59 19.52
C LEU A 84 6.40 10.00 18.22
N LYS A 85 6.11 8.72 17.95
CA LYS A 85 6.46 8.10 16.67
C LYS A 85 5.89 8.84 15.44
N ASN A 86 4.87 9.68 15.66
CA ASN A 86 4.21 10.38 14.56
C ASN A 86 4.79 11.78 14.26
N PHE A 87 5.85 12.15 14.96
CA PHE A 87 6.48 13.44 14.77
C PHE A 87 7.71 13.23 13.89
N TYR A 88 8.04 14.22 13.07
CA TYR A 88 9.33 14.20 12.33
C TYR A 88 10.54 14.17 13.27
N GLU A 89 11.50 13.31 12.93
CA GLU A 89 12.66 13.11 13.81
C GLU A 89 13.36 14.42 14.06
N THR A 90 13.49 15.24 13.02
CA THR A 90 14.27 16.48 13.18
C THR A 90 13.56 17.55 14.03
N ALA A 91 12.24 17.48 14.13
CA ALA A 91 11.47 18.35 15.01
C ALA A 91 11.71 17.98 16.49
N LEU A 92 11.72 16.68 16.78
CA LEU A 92 11.99 16.15 18.12
C LEU A 92 13.43 16.37 18.47
N ASN A 93 14.34 16.13 17.52
CA ASN A 93 15.78 16.35 17.77
C ASN A 93 16.03 17.80 18.06
N ALA A 94 15.35 18.68 17.35
CA ALA A 94 15.51 20.11 17.57
C ALA A 94 15.11 20.55 18.98
N PHE A 95 14.15 19.85 19.57
CA PHE A 95 13.74 20.11 20.96
C PHE A 95 14.41 19.18 21.99
N SER A 96 15.54 18.58 21.62
CA SER A 96 16.23 17.62 22.45
C SER A 96 17.59 18.16 22.86
N TYR A 97 18.02 17.76 24.05
CA TYR A 97 19.31 18.20 24.54
C TYR A 97 19.86 17.15 25.51
N GLY A 98 21.15 16.86 25.36
CA GLY A 98 21.82 15.89 26.20
C GLY A 98 21.10 14.57 26.23
N GLY A 99 20.59 14.12 25.09
CA GLY A 99 19.85 12.88 25.04
C GLY A 99 18.46 12.88 25.68
N LYS A 100 17.97 14.06 26.07
CA LYS A 100 16.62 14.18 26.62
C LYS A 100 15.76 15.11 25.75
N LEU A 101 14.49 14.76 25.62
CA LEU A 101 13.47 15.64 25.00
C LEU A 101 12.95 16.70 25.96
N TYR A 102 12.97 17.94 25.52
CA TYR A 102 12.56 19.09 26.31
C TYR A 102 11.38 19.90 25.78
N GLY A 103 10.67 19.39 24.77
CA GLY A 103 9.47 20.06 24.29
C GLY A 103 8.71 19.26 23.23
N ILE A 104 7.51 19.74 22.90
CA ILE A 104 6.68 19.13 21.86
C ILE A 104 6.59 20.14 20.75
N PRO A 105 7.19 19.84 19.60
CA PRO A 105 7.21 20.81 18.51
C PRO A 105 5.85 20.88 17.80
N TYR A 106 5.46 22.04 17.32
CA TYR A 106 4.24 22.19 16.51
C TYR A 106 4.47 22.73 15.08
N ALA A 107 5.67 23.24 14.79
CA ALA A 107 5.95 23.88 13.50
C ALA A 107 7.42 23.82 13.19
N MET A 108 7.72 23.64 11.90
CA MET A 108 9.09 23.64 11.37
C MET A 108 9.19 24.70 10.27
N GLU A 109 10.42 25.08 9.95
CA GLU A 109 10.72 26.09 8.95
C GLU A 109 12.04 25.73 8.29
N ALA A 110 12.01 25.47 6.99
CA ALA A 110 13.27 25.33 6.22
C ALA A 110 13.12 25.84 4.78
N ILE A 111 14.27 26.08 4.12
CA ILE A 111 14.27 26.56 2.75
C ILE A 111 14.08 25.37 1.80
N ALA A 112 13.60 25.68 0.60
CA ALA A 112 13.46 24.67 -0.46
C ALA A 112 13.55 25.31 -1.85
N LEU A 113 13.42 24.48 -2.88
CA LEU A 113 13.40 25.00 -4.26
C LEU A 113 12.09 25.72 -4.56
N ILE A 114 12.18 27.01 -4.82
CA ILE A 114 11.06 27.79 -5.31
C ILE A 114 11.39 28.17 -6.77
N TYR A 115 10.43 27.92 -7.68
CA TYR A 115 10.64 28.06 -9.11
C TYR A 115 9.48 28.74 -9.86
N ASN A 116 9.81 29.45 -10.94
CA ASN A 116 8.81 30.16 -11.76
C ASN A 116 8.33 29.22 -12.83
N LYS A 117 7.09 28.77 -12.71
CA LYS A 117 6.54 27.78 -13.66
C LYS A 117 6.53 28.31 -15.11
N ASP A 118 6.45 29.63 -15.27
CA ASP A 118 6.61 30.25 -16.59
C ASP A 118 7.98 30.00 -17.22
N TYR A 119 9.01 29.72 -16.42
CA TYR A 119 10.36 29.39 -16.93
C TYR A 119 10.75 27.92 -16.76
N VAL A 120 10.24 27.28 -15.70
CA VAL A 120 10.55 25.90 -15.36
C VAL A 120 9.25 25.18 -14.98
N PRO A 121 8.47 24.75 -16.00
CA PRO A 121 7.23 24.00 -15.76
C PRO A 121 7.36 22.95 -14.65
N GLU A 122 8.37 22.09 -14.79
CA GLU A 122 8.64 20.99 -13.87
C GLU A 122 10.03 21.17 -13.24
N PRO A 123 10.11 21.04 -11.90
CA PRO A 123 11.37 21.31 -11.21
C PRO A 123 12.39 20.19 -11.36
N PRO A 124 13.70 20.51 -11.34
CA PRO A 124 14.78 19.51 -11.38
C PRO A 124 14.82 18.61 -10.17
N LYS A 125 15.20 17.35 -10.41
CA LYS A 125 15.28 16.31 -9.38
C LYS A 125 16.69 16.16 -8.84
N THR A 126 17.70 16.57 -9.61
CA THR A 126 19.07 16.63 -9.12
C THR A 126 19.72 17.98 -9.45
N MET A 127 20.81 18.26 -8.78
CA MET A 127 21.55 19.51 -8.97
C MET A 127 22.16 19.62 -10.39
N ASP A 128 22.59 18.50 -10.96
CA ASP A 128 23.03 18.51 -12.38
C ASP A 128 21.92 18.97 -13.30
N GLU A 129 20.69 18.51 -13.07
CA GLU A 129 19.55 18.95 -13.87
C GLU A 129 19.26 20.42 -13.66
N LEU A 130 19.31 20.87 -12.40
CA LEU A 130 19.14 22.28 -12.11
C LEU A 130 20.16 23.12 -12.88
N ILE A 131 21.40 22.65 -12.91
CA ILE A 131 22.49 23.39 -13.56
C ILE A 131 22.25 23.51 -15.08
N GLU A 132 21.87 22.41 -15.73
CA GLU A 132 21.50 22.44 -17.16
C GLU A 132 20.41 23.46 -17.41
N ILE A 133 19.41 23.47 -16.53
CA ILE A 133 18.23 24.31 -16.70
C ILE A 133 18.59 25.76 -16.47
N ALA A 134 19.37 26.01 -15.42
CA ALA A 134 19.89 27.36 -15.16
C ALA A 134 20.66 27.89 -16.38
N LYS A 135 21.55 27.07 -16.93
CA LYS A 135 22.33 27.44 -18.11
C LYS A 135 21.47 27.86 -19.31
N GLN A 136 20.54 26.98 -19.72
CA GLN A 136 19.62 27.28 -20.81
C GLN A 136 18.83 28.58 -20.61
N ILE A 137 18.46 28.88 -19.37
CA ILE A 137 17.75 30.12 -19.04
C ILE A 137 18.68 31.33 -19.17
N ASP A 138 19.90 31.19 -18.66
CA ASP A 138 20.91 32.25 -18.74
C ASP A 138 21.27 32.55 -20.21
N GLU A 139 21.35 31.48 -20.99
CA GLU A 139 21.71 31.50 -22.41
C GLU A 139 20.44 31.27 -23.23
N GLU A 140 19.56 32.26 -23.22
CA GLU A 140 18.33 32.30 -24.04
C GLU A 140 17.65 33.64 -23.82
N PHE A 141 17.38 33.96 -22.55
CA PHE A 141 16.82 35.25 -22.17
C PHE A 141 17.90 36.29 -21.86
N GLY A 142 19.10 36.09 -22.43
CA GLY A 142 20.19 37.08 -22.44
C GLY A 142 20.36 37.89 -21.17
N GLY A 143 20.49 37.20 -20.04
CA GLY A 143 20.81 37.84 -18.76
C GLY A 143 19.90 38.97 -18.31
N GLU A 144 18.62 38.87 -18.64
CA GLU A 144 17.59 39.67 -17.95
C GLU A 144 16.76 38.76 -17.01
N VAL A 145 16.82 37.44 -17.26
CA VAL A 145 16.28 36.42 -16.35
C VAL A 145 17.37 35.48 -15.80
N ARG A 146 17.61 35.53 -14.49
CA ARG A 146 18.56 34.60 -13.83
C ARG A 146 18.02 33.16 -13.75
N GLY A 147 18.84 32.20 -14.19
CA GLY A 147 18.47 30.80 -14.11
C GLY A 147 18.41 30.24 -12.68
N PHE A 148 19.35 30.64 -11.84
CA PHE A 148 19.38 30.20 -10.44
C PHE A 148 20.02 31.24 -9.57
N ILE A 149 19.35 31.62 -8.48
CA ILE A 149 19.95 32.49 -7.47
C ILE A 149 19.72 31.93 -6.06
N THR A 150 20.76 31.99 -5.24
CA THR A 150 20.64 31.86 -3.79
C THR A 150 21.68 32.80 -3.19
N SER A 151 21.75 32.89 -1.86
CA SER A 151 22.69 33.78 -1.20
C SER A 151 24.04 33.06 -1.09
N ALA A 152 24.88 33.27 -2.11
CA ALA A 152 26.09 32.48 -2.36
C ALA A 152 27.14 32.42 -1.26
N ALA A 153 27.31 33.51 -0.52
CA ALA A 153 28.31 33.61 0.54
C ALA A 153 27.70 33.54 1.93
N GLU A 154 26.48 33.05 2.03
CA GLU A 154 25.77 33.00 3.33
C GLU A 154 25.58 31.55 3.82
N PHE A 155 26.24 31.20 4.93
CA PHE A 155 26.23 29.83 5.45
C PHE A 155 24.84 29.17 5.51
N TYR A 156 23.83 29.92 5.96
CA TYR A 156 22.47 29.38 6.11
C TYR A 156 21.94 28.83 4.78
N TYR A 157 22.22 29.53 3.68
CA TYR A 157 21.77 29.09 2.34
C TYR A 157 22.62 28.00 1.72
N ILE A 158 23.90 27.94 2.08
CA ILE A 158 24.81 26.92 1.55
C ILE A 158 24.78 25.61 2.36
N ALA A 159 24.26 25.69 3.59
CA ALA A 159 24.16 24.52 4.48
C ALA A 159 23.60 23.26 3.86
N PRO A 160 22.54 23.37 3.03
CA PRO A 160 22.00 22.15 2.49
C PRO A 160 23.00 21.32 1.67
N PHE A 161 23.97 21.98 1.05
CA PHE A 161 25.04 21.29 0.30
C PHE A 161 26.05 20.65 1.27
N ILE A 162 26.40 21.40 2.30
CA ILE A 162 27.35 20.98 3.31
C ILE A 162 26.83 19.77 4.05
N PHE A 163 25.58 19.84 4.50
CA PHE A 163 25.03 18.72 5.26
C PHE A 163 24.61 17.52 4.42
N GLY A 164 24.10 17.77 3.24
CA GLY A 164 23.77 16.67 2.35
C GLY A 164 24.92 15.67 2.18
N TYR A 165 26.14 16.19 2.08
CA TYR A 165 27.32 15.34 1.81
C TYR A 165 27.97 14.82 3.08
N GLY A 166 27.39 15.11 4.26
CA GLY A 166 27.92 14.60 5.52
C GLY A 166 28.72 15.60 6.31
N GLY A 167 28.67 16.87 5.92
CA GLY A 167 29.15 17.94 6.79
C GLY A 167 28.24 18.03 8.01
N TYR A 168 28.73 18.64 9.08
CA TYR A 168 27.93 18.89 10.29
C TYR A 168 28.59 19.97 11.14
N VAL A 169 27.80 20.69 11.92
CA VAL A 169 28.32 21.74 12.78
C VAL A 169 28.95 21.10 14.03
N PHE A 170 28.09 20.47 14.85
CA PHE A 170 28.49 19.74 16.07
C PHE A 170 27.96 18.33 15.96
N LYS A 171 28.82 17.34 16.19
CA LYS A 171 28.40 15.95 16.04
C LYS A 171 27.15 15.61 16.85
N GLN A 172 26.18 14.98 16.20
CA GLN A 172 24.93 14.56 16.85
CA GLN A 172 24.92 14.56 16.84
C GLN A 172 25.09 13.14 17.37
N THR A 173 25.06 13.01 18.70
CA THR A 173 25.26 11.71 19.38
C THR A 173 24.00 11.33 20.18
N GLU A 174 23.99 10.14 20.79
CA GLU A 174 22.86 9.71 21.64
C GLU A 174 22.75 10.53 22.93
N LYS A 175 23.85 11.15 23.34
CA LYS A 175 23.91 11.97 24.55
C LYS A 175 23.91 13.47 24.27
N GLY A 176 23.61 13.84 23.03
CA GLY A 176 23.50 15.24 22.67
C GLY A 176 24.55 15.68 21.68
N LEU A 177 24.57 16.98 21.39
CA LEU A 177 25.58 17.60 20.52
C LEU A 177 26.95 17.65 21.20
N ASP A 178 27.93 17.01 20.57
CA ASP A 178 29.35 17.11 20.97
C ASP A 178 29.98 18.35 20.33
N VAL A 179 30.10 19.41 21.12
CA VAL A 179 30.61 20.68 20.60
C VAL A 179 32.11 20.68 20.31
N ASN A 180 32.81 19.62 20.73
CA ASN A 180 34.23 19.46 20.44
C ASN A 180 34.44 18.69 19.12
N ASP A 181 33.42 18.00 18.63
CA ASP A 181 33.48 17.31 17.35
C ASP A 181 32.78 18.18 16.28
N ILE A 182 33.58 19.05 15.66
CA ILE A 182 33.14 19.98 14.62
C ILE A 182 33.41 19.39 13.23
N GLY A 183 32.39 19.34 12.38
CA GLY A 183 32.50 18.68 11.09
C GLY A 183 32.37 19.60 9.88
N LEU A 184 32.77 20.85 10.09
CA LEU A 184 32.59 21.89 9.06
C LEU A 184 33.77 21.95 8.06
N ALA A 185 34.69 20.99 8.16
CA ALA A 185 35.82 20.87 7.25
C ALA A 185 36.14 19.42 6.93
N ASN A 186 35.18 18.52 7.09
CA ASN A 186 35.38 17.13 6.72
C ASN A 186 35.17 16.99 5.21
N GLU A 187 35.22 15.79 4.69
CA GLU A 187 35.19 15.59 3.24
C GLU A 187 33.84 16.01 2.67
N GLY A 188 32.77 15.63 3.38
CA GLY A 188 31.44 16.05 3.00
C GLY A 188 31.31 17.55 2.90
N ALA A 189 31.80 18.24 3.92
CA ALA A 189 31.69 19.69 4.00
C ALA A 189 32.44 20.38 2.85
N ILE A 190 33.64 19.87 2.58
CA ILE A 190 34.45 20.35 1.45
C ILE A 190 33.72 20.11 0.13
N LYS A 191 33.19 18.92 -0.05
CA LYS A 191 32.41 18.55 -1.23
C LYS A 191 31.19 19.44 -1.45
N GLY A 192 30.53 19.85 -0.36
CA GLY A 192 29.40 20.74 -0.48
C GLY A 192 29.73 22.13 -0.98
N VAL A 193 30.80 22.69 -0.44
CA VAL A 193 31.23 24.03 -0.77
C VAL A 193 31.92 24.03 -2.18
N LYS A 194 32.55 22.91 -2.52
CA LYS A 194 33.05 22.70 -3.89
C LYS A 194 31.90 22.79 -4.89
N LEU A 195 30.74 22.17 -4.57
CA LEU A 195 29.52 22.40 -5.36
C LEU A 195 29.18 23.88 -5.50
N LEU A 196 29.16 24.62 -4.38
CA LEU A 196 28.95 26.06 -4.43
C LEU A 196 29.97 26.71 -5.37
N LYS A 197 31.23 26.35 -5.18
CA LYS A 197 32.30 26.98 -5.98
C LYS A 197 32.06 26.69 -7.47
N ARG A 198 31.74 25.45 -7.80
CA ARG A 198 31.39 25.05 -9.15
C ARG A 198 30.27 25.88 -9.75
N LEU A 199 29.27 26.21 -8.94
CA LEU A 199 28.16 27.03 -9.43
C LEU A 199 28.65 28.41 -9.82
N VAL A 200 29.60 28.95 -9.07
CA VAL A 200 30.13 30.28 -9.36
C VAL A 200 31.08 30.19 -10.57
N ASP A 201 31.85 29.13 -10.63
CA ASP A 201 32.81 28.90 -11.72
C ASP A 201 32.09 28.71 -13.06
N GLU A 202 30.93 28.07 -13.05
CA GLU A 202 30.16 27.86 -14.27
C GLU A 202 29.29 29.06 -14.65
N GLY A 203 29.37 30.14 -13.88
CA GLY A 203 28.61 31.34 -14.18
C GLY A 203 27.14 31.27 -13.85
N ILE A 204 26.74 30.26 -13.07
CA ILE A 204 25.34 30.10 -12.61
C ILE A 204 25.04 30.96 -11.38
N LEU A 205 26.00 31.08 -10.48
CA LEU A 205 25.88 32.04 -9.39
C LEU A 205 26.94 33.13 -9.54
N ASP A 206 26.60 34.32 -9.06
CA ASP A 206 27.47 35.48 -9.03
C ASP A 206 27.98 35.66 -7.60
N PRO A 207 29.26 36.03 -7.44
CA PRO A 207 29.77 36.20 -6.09
C PRO A 207 29.07 37.29 -5.27
N SER A 208 28.42 38.24 -5.94
CA SER A 208 27.67 39.31 -5.28
C SER A 208 26.27 38.89 -4.83
N ASP A 209 25.80 37.73 -5.27
CA ASP A 209 24.45 37.26 -4.92
C ASP A 209 24.22 37.24 -3.40
N ASN A 210 23.07 37.77 -2.99
CA ASN A 210 22.67 37.77 -1.60
C ASN A 210 21.17 37.62 -1.51
N TYR A 211 20.63 37.73 -0.31
CA TYR A 211 19.20 37.51 -0.09
C TYR A 211 18.33 38.49 -0.88
N GLN A 212 18.64 39.78 -0.79
CA GLN A 212 17.80 40.81 -1.39
C GLN A 212 17.71 40.57 -2.88
N ILE A 213 18.84 40.30 -3.50
CA ILE A 213 18.90 40.04 -4.94
C ILE A 213 18.14 38.79 -5.32
N MET A 214 18.33 37.69 -4.58
CA MET A 214 17.57 36.48 -4.84
C MET A 214 16.05 36.74 -4.76
N ASP A 215 15.65 37.45 -3.70
CA ASP A 215 14.26 37.58 -3.33
C ASP A 215 13.52 38.53 -4.28
N SER A 216 14.13 39.68 -4.56
CA SER A 216 13.54 40.70 -5.42
C SER A 216 13.47 40.28 -6.89
N MET A 217 14.52 39.61 -7.35
CA MET A 217 14.54 39.15 -8.73
C MET A 217 13.48 38.09 -9.01
N PHE A 218 13.24 37.21 -8.03
CA PHE A 218 12.22 36.19 -8.19
C PHE A 218 10.84 36.80 -8.13
N ARG A 219 10.67 37.79 -7.26
CA ARG A 219 9.38 38.45 -7.10
C ARG A 219 9.00 39.20 -8.38
N GLU A 220 10.01 39.81 -9.00
CA GLU A 220 9.84 40.66 -10.18
C GLU A 220 9.92 39.88 -11.51
N GLY A 221 9.77 38.56 -11.45
CA GLY A 221 9.71 37.72 -12.65
C GLY A 221 11.02 37.48 -13.37
N GLN A 222 12.12 37.94 -12.77
CA GLN A 222 13.47 37.88 -13.38
C GLN A 222 14.37 36.76 -12.83
N ALA A 223 13.75 35.72 -12.27
CA ALA A 223 14.50 34.57 -11.73
C ALA A 223 13.69 33.28 -11.84
N ALA A 224 14.29 32.27 -12.45
CA ALA A 224 13.59 31.01 -12.72
C ALA A 224 13.50 30.07 -11.52
N MET A 225 14.56 30.06 -10.71
CA MET A 225 14.74 29.09 -9.61
C MET A 225 15.55 29.74 -8.48
N ILE A 226 15.00 29.68 -7.25
CA ILE A 226 15.72 30.15 -6.08
C ILE A 226 15.59 29.14 -4.92
N ILE A 227 16.37 29.37 -3.87
CA ILE A 227 16.26 28.54 -2.66
C ILE A 227 15.93 29.46 -1.52
N ASN A 228 14.73 29.31 -0.99
CA ASN A 228 14.17 30.25 0.00
C ASN A 228 13.09 29.55 0.81
N GLY A 229 12.64 30.19 1.87
CA GLY A 229 11.68 29.56 2.78
C GLY A 229 10.23 30.04 2.64
N PRO A 230 9.33 29.52 3.50
CA PRO A 230 7.90 29.79 3.44
C PRO A 230 7.51 31.25 3.66
N TRP A 231 8.33 31.99 4.41
CA TRP A 231 8.16 33.43 4.67
C TRP A 231 8.16 34.36 3.43
N ALA A 232 8.71 33.89 2.32
CA ALA A 232 8.81 34.71 1.10
C ALA A 232 7.59 34.57 0.16
N ILE A 233 6.82 33.50 0.34
CA ILE A 233 5.89 33.02 -0.68
C ILE A 233 4.71 33.95 -0.96
N LYS A 234 4.27 34.67 0.06
CA LYS A 234 3.07 35.49 -0.04
C LYS A 234 3.32 36.76 -0.84
N ALA A 235 4.56 37.24 -0.84
CA ALA A 235 4.94 38.39 -1.66
C ALA A 235 5.11 38.00 -3.12
N TYR A 236 5.54 36.76 -3.37
CA TYR A 236 5.56 36.23 -4.72
C TYR A 236 4.12 35.96 -5.19
N LYS A 237 3.26 35.53 -4.27
CA LYS A 237 1.84 35.30 -4.58
C LYS A 237 1.17 36.63 -4.94
N ASP A 238 1.32 37.62 -4.06
CA ASP A 238 0.78 38.96 -4.28
CA ASP A 238 0.78 38.96 -4.28
C ASP A 238 1.28 39.60 -5.58
N ALA A 239 2.44 39.14 -6.06
CA ALA A 239 3.09 39.72 -7.23
C ALA A 239 2.81 38.92 -8.50
N GLY A 240 1.91 37.96 -8.40
CA GLY A 240 1.41 37.27 -9.59
C GLY A 240 2.39 36.32 -10.26
N ILE A 241 3.37 35.83 -9.50
CA ILE A 241 4.27 34.80 -10.01
C ILE A 241 3.54 33.47 -9.95
N ASP A 242 3.60 32.70 -11.03
CA ASP A 242 3.11 31.33 -11.01
C ASP A 242 4.26 30.42 -10.55
N TYR A 243 4.41 30.37 -9.22
CA TYR A 243 5.51 29.65 -8.55
C TYR A 243 5.13 28.21 -8.10
N GLY A 244 6.12 27.34 -8.05
CA GLY A 244 6.01 26.03 -7.43
C GLY A 244 7.02 25.92 -6.30
N VAL A 245 6.84 24.91 -5.44
CA VAL A 245 7.80 24.62 -4.37
C VAL A 245 8.08 23.14 -4.39
N ALA A 246 9.36 22.79 -4.34
CA ALA A 246 9.81 21.41 -4.30
C ALA A 246 11.02 21.31 -3.37
N PRO A 247 11.42 20.09 -3.01
CA PRO A 247 12.65 20.02 -2.25
C PRO A 247 13.84 20.53 -3.10
N ILE A 248 14.90 20.96 -2.42
CA ILE A 248 16.13 21.25 -3.13
C ILE A 248 16.54 19.98 -3.87
N PRO A 249 16.93 20.13 -5.16
CA PRO A 249 17.28 18.94 -5.91
C PRO A 249 18.34 18.14 -5.18
N ASP A 250 18.24 16.82 -5.24
CA ASP A 250 19.25 15.93 -4.71
C ASP A 250 20.62 16.33 -5.24
N LEU A 251 21.61 16.31 -4.36
CA LEU A 251 22.96 16.70 -4.68
C LEU A 251 23.46 15.77 -5.81
N GLU A 252 23.27 14.48 -5.57
CA GLU A 252 23.39 13.46 -6.60
C GLU A 252 22.41 12.34 -6.24
N PRO A 253 22.15 11.41 -7.18
CA PRO A 253 21.17 10.35 -6.90
C PRO A 253 21.34 9.75 -5.51
N GLY A 254 20.25 9.75 -4.75
CA GLY A 254 20.24 9.17 -3.43
C GLY A 254 20.92 9.99 -2.36
N VAL A 255 21.25 11.25 -2.68
CA VAL A 255 21.94 12.11 -1.71
C VAL A 255 21.17 13.42 -1.57
N PRO A 256 20.16 13.43 -0.68
CA PRO A 256 19.35 14.65 -0.55
C PRO A 256 20.11 15.84 0.05
N ALA A 257 19.74 17.05 -0.35
CA ALA A 257 20.11 18.25 0.36
C ALA A 257 19.47 18.24 1.77
N ARG A 258 20.19 18.72 2.76
CA ARG A 258 19.72 18.68 4.15
C ARG A 258 19.84 20.07 4.71
N PRO A 259 18.78 20.88 4.59
CA PRO A 259 18.91 22.25 5.00
C PRO A 259 18.89 22.39 6.52
N PHE A 260 19.26 23.54 7.02
CA PHE A 260 18.98 23.90 8.42
C PHE A 260 17.46 23.93 8.60
N VAL A 261 17.02 23.60 9.81
CA VAL A 261 15.59 23.61 10.16
C VAL A 261 15.44 24.36 11.47
N GLY A 262 14.49 25.28 11.50
CA GLY A 262 14.10 25.97 12.72
C GLY A 262 12.75 25.42 13.14
N VAL A 263 12.57 25.27 14.45
CA VAL A 263 11.42 24.54 15.00
C VAL A 263 10.82 25.34 16.17
N GLN A 264 9.49 25.41 16.20
CA GLN A 264 8.79 26.05 17.28
C GLN A 264 8.06 24.98 18.06
N GLY A 265 7.96 25.15 19.38
CA GLY A 265 7.45 24.08 20.24
C GLY A 265 6.91 24.54 21.59
N PHE A 266 6.22 23.63 22.27
CA PHE A 266 5.75 23.88 23.62
C PHE A 266 6.73 23.30 24.66
N MET A 267 7.02 24.08 25.70
CA MET A 267 7.93 23.64 26.77
C MET A 267 7.25 23.77 28.15
N VAL A 268 7.59 22.87 29.07
CA VAL A 268 7.06 22.87 30.44
C VAL A 268 8.11 23.51 31.42
N ASN A 269 7.64 24.46 32.24
CA ASN A 269 8.42 25.04 33.36
C ASN A 269 8.80 23.99 34.44
N ALA A 270 10.09 23.73 34.62
CA ALA A 270 10.58 22.78 35.62
C ALA A 270 10.44 23.29 37.08
N LYS A 271 10.18 24.58 37.26
CA LYS A 271 9.89 25.18 38.55
C LYS A 271 8.40 25.20 38.87
N SER A 272 7.55 24.68 38.00
CA SER A 272 6.12 24.78 38.22
C SER A 272 5.69 23.83 39.32
N PRO A 273 4.90 24.32 40.29
CA PRO A 273 4.33 23.36 41.25
C PRO A 273 3.37 22.39 40.57
N ASN A 274 2.85 22.75 39.40
CA ASN A 274 1.89 21.92 38.68
C ASN A 274 2.50 21.15 37.50
N LYS A 275 3.81 20.88 37.49
CA LYS A 275 4.43 20.34 36.28
C LYS A 275 3.95 18.96 35.85
N LEU A 276 3.49 18.12 36.79
CA LEU A 276 2.98 16.81 36.38
C LEU A 276 1.70 16.94 35.54
N LEU A 277 0.80 17.83 35.97
CA LEU A 277 -0.42 18.11 35.22
C LEU A 277 -0.13 18.87 33.94
N ALA A 278 0.88 19.75 33.98
CA ALA A 278 1.34 20.46 32.75
C ALA A 278 1.78 19.47 31.68
N ILE A 279 2.60 18.49 32.08
CA ILE A 279 3.06 17.45 31.17
C ILE A 279 1.91 16.60 30.63
N GLU A 280 0.92 16.30 31.48
CA GLU A 280 -0.27 15.59 31.03
C GLU A 280 -1.05 16.42 29.99
N PHE A 281 -1.27 17.71 30.26
CA PHE A 281 -1.93 18.58 29.31
C PHE A 281 -1.17 18.63 27.95
N LEU A 282 0.15 18.76 28.04
CA LEU A 282 1.00 18.85 26.89
C LEU A 282 1.00 17.57 26.07
N THR A 283 1.12 16.41 26.72
CA THR A 283 1.29 15.17 26.01
C THR A 283 -0.04 14.53 25.54
N SER A 284 -1.10 14.68 26.34
CA SER A 284 -2.38 14.04 26.07
C SER A 284 -3.39 14.94 25.35
N PHE A 285 -3.15 16.26 25.38
CA PHE A 285 -4.06 17.21 24.75
C PHE A 285 -3.39 17.98 23.59
N ILE A 286 -2.32 18.72 23.93
CA ILE A 286 -1.68 19.60 22.98
C ILE A 286 -1.05 18.78 21.86
N ALA A 287 -0.41 17.66 22.21
CA ALA A 287 0.45 16.94 21.28
C ALA A 287 -0.33 16.09 20.26
N LYS A 288 -1.63 15.88 20.52
CA LYS A 288 -2.50 15.06 19.70
C LYS A 288 -2.59 15.50 18.25
N LYS A 289 -2.78 14.51 17.37
CA LYS A 289 -2.92 14.72 15.95
C LYS A 289 -3.99 15.77 15.64
N GLU A 290 -5.13 15.62 16.29
CA GLU A 290 -6.28 16.49 16.05
C GLU A 290 -6.02 17.93 16.47
N THR A 291 -5.34 18.08 17.60
CA THR A 291 -4.98 19.42 18.08
C THR A 291 -3.95 20.09 17.18
N MET A 292 -2.94 19.31 16.80
CA MET A 292 -1.88 19.80 15.91
C MET A 292 -2.44 20.19 14.53
N TYR A 293 -3.47 19.49 14.10
CA TYR A 293 -4.17 19.84 12.85
C TYR A 293 -4.92 21.15 12.97
N ARG A 294 -5.65 21.33 14.06
CA ARG A 294 -6.28 22.62 14.39
C ARG A 294 -5.27 23.77 14.47
N ILE A 295 -4.15 23.50 15.11
CA ILE A 295 -3.07 24.48 15.17
C ILE A 295 -2.62 24.89 13.76
N TYR A 296 -2.43 23.92 12.88
CA TYR A 296 -2.07 24.22 11.49
C TYR A 296 -3.16 25.09 10.82
N LEU A 297 -4.44 24.76 10.96
CA LEU A 297 -5.51 25.59 10.40
C LEU A 297 -5.50 27.01 10.97
N GLY A 298 -5.13 27.17 12.23
CA GLY A 298 -5.00 28.50 12.83
C GLY A 298 -3.81 29.28 12.31
N ASP A 299 -2.72 28.58 12.01
CA ASP A 299 -1.49 29.22 11.56
C ASP A 299 -0.70 28.23 10.73
N PRO A 300 -0.91 28.26 9.40
CA PRO A 300 -0.36 27.23 8.52
C PRO A 300 1.16 27.18 8.37
N ARG A 301 1.84 26.81 9.44
CA ARG A 301 3.28 26.58 9.39
C ARG A 301 3.56 25.11 9.17
N LEU A 302 4.72 24.78 8.61
CA LEU A 302 5.05 23.37 8.32
C LEU A 302 4.84 22.52 9.57
N PRO A 303 4.02 21.45 9.46
CA PRO A 303 3.68 20.65 10.63
C PRO A 303 4.84 19.83 11.16
N SER A 304 4.81 19.61 12.48
CA SER A 304 5.79 18.76 13.15
C SER A 304 5.43 17.27 13.11
N ARG A 305 4.20 16.95 12.68
CA ARG A 305 3.68 15.58 12.64
C ARG A 305 3.45 15.08 11.22
N LYS A 306 3.87 13.85 10.98
CA LYS A 306 3.77 13.20 9.69
C LYS A 306 2.31 12.98 9.31
N ASP A 307 1.48 12.65 10.29
CA ASP A 307 0.06 12.39 10.02
C ASP A 307 -0.76 13.67 9.81
N VAL A 308 -0.23 14.82 10.26
CA VAL A 308 -0.87 16.10 9.97
C VAL A 308 -0.51 16.57 8.55
N LEU A 309 0.72 16.32 8.13
CA LEU A 309 1.09 16.59 6.75
C LEU A 309 0.18 15.82 5.81
N GLU A 310 -0.07 14.55 6.09
CA GLU A 310 -0.99 13.76 5.27
C GLU A 310 -2.35 14.44 5.13
N LEU A 311 -2.83 15.09 6.19
CA LEU A 311 -4.13 15.73 6.20
C LEU A 311 -4.19 17.07 5.47
N VAL A 312 -3.05 17.70 5.26
CA VAL A 312 -3.02 19.04 4.65
C VAL A 312 -2.31 19.08 3.30
N LYS A 313 -1.94 17.93 2.76
CA LYS A 313 -1.13 17.86 1.55
C LYS A 313 -1.83 18.29 0.24
N ASP A 314 -3.09 18.70 0.29
CA ASP A 314 -3.76 19.22 -0.89
C ASP A 314 -3.10 20.54 -1.30
N ASN A 315 -2.43 21.19 -0.35
CA ASN A 315 -1.56 22.33 -0.66
C ASN A 315 -0.18 21.82 -1.12
N PRO A 316 0.20 22.10 -2.39
CA PRO A 316 1.48 21.55 -2.86
C PRO A 316 2.71 22.22 -2.23
N ASP A 317 2.58 23.49 -1.87
CA ASP A 317 3.65 24.20 -1.21
C ASP A 317 4.08 23.52 0.09
N VAL A 318 3.11 23.16 0.93
CA VAL A 318 3.42 22.68 2.28
C VAL A 318 4.18 21.38 2.18
N VAL A 319 3.87 20.58 1.17
CA VAL A 319 4.53 19.30 0.95
C VAL A 319 6.00 19.48 0.60
N GLY A 320 6.29 20.42 -0.30
CA GLY A 320 7.67 20.60 -0.77
C GLY A 320 8.55 21.12 0.35
N PHE A 321 8.06 22.16 1.02
CA PHE A 321 8.74 22.70 2.22
C PHE A 321 8.92 21.65 3.33
N THR A 322 7.89 20.86 3.60
CA THR A 322 7.93 19.97 4.77
C THR A 322 8.86 18.79 4.51
N LEU A 323 8.89 18.31 3.27
CA LEU A 323 9.84 17.28 2.87
C LEU A 323 11.30 17.76 2.98
N SER A 324 11.52 19.03 2.67
CA SER A 324 12.85 19.64 2.79
C SER A 324 13.23 19.66 4.28
N ALA A 325 12.32 20.19 5.10
CA ALA A 325 12.56 20.27 6.55
C ALA A 325 12.80 18.88 7.18
N ALA A 326 12.03 17.88 6.78
CA ALA A 326 12.18 16.50 7.30
C ALA A 326 13.58 15.93 7.05
N ASN A 327 14.21 16.31 5.93
CA ASN A 327 15.58 15.89 5.59
C ASN A 327 16.63 16.78 6.22
N GLY A 328 16.21 17.89 6.79
CA GLY A 328 17.14 18.84 7.35
C GLY A 328 17.73 18.49 8.71
N ILE A 329 18.50 19.45 9.21
CA ILE A 329 19.25 19.37 10.45
C ILE A 329 18.90 20.60 11.29
N PRO A 330 18.46 20.39 12.55
CA PRO A 330 18.14 21.55 13.37
C PRO A 330 19.32 22.51 13.55
N MET A 331 19.05 23.80 13.57
CA MET A 331 20.11 24.72 13.90
C MET A 331 20.51 24.40 15.35
N PRO A 332 21.81 24.19 15.63
CA PRO A 332 22.17 23.76 16.99
C PRO A 332 21.63 24.71 18.07
N ASN A 333 20.97 24.11 19.06
CA ASN A 333 20.26 24.83 20.12
C ASN A 333 21.13 25.16 21.35
N VAL A 334 22.44 25.29 21.12
CA VAL A 334 23.40 25.48 22.19
C VAL A 334 24.10 26.79 21.91
N PRO A 335 24.60 27.46 22.96
CA PRO A 335 25.11 28.82 22.80
C PRO A 335 26.42 28.93 21.99
N GLN A 336 27.13 27.82 21.84
CA GLN A 336 28.33 27.75 21.00
C GLN A 336 28.05 27.99 19.51
N MET A 337 26.79 27.83 19.09
CA MET A 337 26.39 28.12 17.70
C MET A 337 26.58 29.60 17.31
N ALA A 338 26.45 30.50 18.28
CA ALA A 338 26.52 31.94 17.98
C ALA A 338 27.80 32.35 17.26
N ALA A 339 28.90 31.68 17.58
CA ALA A 339 30.19 31.98 16.98
C ALA A 339 30.34 31.41 15.55
N VAL A 340 29.55 30.38 15.24
CA VAL A 340 29.70 29.62 14.00
C VAL A 340 29.35 30.45 12.77
N TRP A 341 28.29 31.27 12.85
CA TRP A 341 27.71 31.92 11.66
C TRP A 341 28.70 32.81 10.91
N ALA A 342 29.31 33.76 11.63
CA ALA A 342 30.21 34.73 11.00
C ALA A 342 31.53 34.12 10.48
N ALA A 343 32.00 33.06 11.13
CA ALA A 343 33.16 32.29 10.69
C ALA A 343 32.88 31.56 9.38
N MET A 344 31.68 31.00 9.27
CA MET A 344 31.27 30.34 8.06
C MET A 344 30.94 31.31 6.95
N ASN A 345 30.16 32.36 7.24
CA ASN A 345 29.92 33.42 6.24
C ASN A 345 31.22 33.98 5.68
N ASP A 346 32.18 34.25 6.56
CA ASP A 346 33.49 34.73 6.13
C ASP A 346 34.21 33.71 5.25
N ALA A 347 34.23 32.45 5.66
CA ALA A 347 34.87 31.42 4.84
C ALA A 347 34.25 31.40 3.42
N LEU A 348 32.92 31.41 3.37
CA LEU A 348 32.22 31.29 2.09
C LEU A 348 32.46 32.50 1.20
N ASN A 349 32.54 33.67 1.82
CA ASN A 349 32.91 34.86 1.12
C ASN A 349 34.29 34.74 0.46
N LEU A 350 35.24 34.12 1.15
CA LEU A 350 36.58 34.02 0.62
C LEU A 350 36.59 33.09 -0.58
N VAL A 351 35.79 32.03 -0.50
CA VAL A 351 35.67 31.06 -1.57
C VAL A 351 35.04 31.64 -2.86
N VAL A 352 33.89 32.29 -2.74
CA VAL A 352 33.18 32.77 -3.93
C VAL A 352 33.89 33.93 -4.63
N ASN A 353 34.73 34.65 -3.90
CA ASN A 353 35.48 35.74 -4.48
C ASN A 353 36.90 35.36 -4.90
N GLY A 354 37.18 34.06 -4.92
CA GLY A 354 38.47 33.53 -5.36
C GLY A 354 39.66 33.95 -4.51
N LYS A 355 39.45 34.09 -3.20
CA LYS A 355 40.50 34.52 -2.29
C LYS A 355 41.16 33.38 -1.53
N ALA A 356 40.40 32.33 -1.26
CA ALA A 356 40.94 31.17 -0.55
C ALA A 356 40.35 29.94 -1.15
N THR A 357 41.05 28.82 -1.09
CA THR A 357 40.49 27.56 -1.52
C THR A 357 39.43 27.05 -0.53
N VAL A 358 38.56 26.16 -0.99
CA VAL A 358 37.56 25.56 -0.11
C VAL A 358 38.23 24.87 1.08
N GLU A 359 39.18 24.00 0.77
CA GLU A 359 39.96 23.26 1.80
C GLU A 359 40.48 24.19 2.87
N GLU A 360 41.05 25.30 2.42
CA GLU A 360 41.75 26.23 3.29
C GLU A 360 40.77 27.15 4.04
N ALA A 361 39.78 27.71 3.35
CA ALA A 361 38.75 28.52 3.98
C ALA A 361 38.01 27.74 5.09
N LEU A 362 37.66 26.50 4.82
CA LEU A 362 36.96 25.66 5.82
C LEU A 362 37.85 25.24 7.00
N LYS A 363 39.11 24.93 6.75
CA LYS A 363 40.06 24.61 7.84
C LYS A 363 40.26 25.79 8.78
N ASN A 364 40.40 26.98 8.22
CA ASN A 364 40.57 28.19 9.03
C ASN A 364 39.30 28.59 9.78
N ALA A 365 38.13 28.37 9.18
CA ALA A 365 36.89 28.68 9.84
C ALA A 365 36.72 27.79 11.07
N VAL A 366 37.03 26.51 10.94
CA VAL A 366 36.93 25.54 12.03
C VAL A 366 38.00 25.78 13.10
N GLU A 367 39.15 26.34 12.69
CA GLU A 367 40.16 26.78 13.64
C GLU A 367 39.64 27.96 14.45
N ARG A 368 39.11 28.95 13.75
CA ARG A 368 38.52 30.12 14.38
C ARG A 368 37.35 29.76 15.33
N ILE A 369 36.58 28.74 14.99
CA ILE A 369 35.41 28.35 15.77
C ILE A 369 35.86 27.63 17.05
N LYS A 370 36.71 26.61 16.88
CA LYS A 370 37.27 25.86 18.01
C LYS A 370 37.94 26.80 19.01
N ALA A 371 38.55 27.87 18.50
CA ALA A 371 39.20 28.86 19.35
C ALA A 371 38.20 29.73 20.11
N GLN A 372 37.08 30.05 19.48
CA GLN A 372 36.08 30.90 20.11
C GLN A 372 35.30 30.15 21.19
N ILE A 373 35.08 28.86 20.96
CA ILE A 373 34.47 27.96 21.95
C ILE A 373 35.38 27.74 23.17
N GLN A 374 36.69 28.03 23.05
CA GLN A 374 37.61 28.00 24.20
C GLN A 374 37.99 29.41 24.67
N PRO B 3 21.04 3.65 17.64
CA PRO B 3 21.04 3.75 16.19
C PRO B 3 19.67 3.65 15.51
N LYS B 4 19.73 3.67 14.18
CA LYS B 4 18.64 3.18 13.38
C LYS B 4 19.19 2.48 12.14
N LEU B 5 18.36 1.57 11.64
CA LEU B 5 18.56 0.94 10.37
C LEU B 5 17.58 1.59 9.44
N THR B 6 18.03 1.85 8.22
CA THR B 6 17.16 2.29 7.14
C THR B 6 17.12 1.18 6.07
N ILE B 7 15.92 0.94 5.57
CA ILE B 7 15.65 -0.06 4.55
C ILE B 7 14.89 0.57 3.40
N TRP B 8 15.42 0.41 2.19
CA TRP B 8 14.66 0.67 0.97
C TRP B 8 14.07 -0.64 0.42
N CYS B 9 12.75 -0.69 0.31
CA CYS B 9 12.04 -1.90 -0.05
C CYS B 9 10.98 -1.63 -1.10
N SER B 10 10.25 -2.67 -1.48
CA SER B 10 9.16 -2.52 -2.42
CA SER B 10 9.14 -2.55 -2.41
C SER B 10 7.90 -2.15 -1.66
N GLU B 11 6.92 -1.57 -2.37
CA GLU B 11 5.69 -1.05 -1.79
C GLU B 11 4.92 -2.06 -0.96
N LYS B 12 4.83 -3.28 -1.47
CA LYS B 12 4.09 -4.32 -0.79
C LYS B 12 4.89 -4.98 0.36
N GLN B 13 6.06 -4.45 0.70
CA GLN B 13 6.86 -4.98 1.82
C GLN B 13 6.88 -4.01 3.02
N VAL B 14 6.37 -2.80 2.85
CA VAL B 14 6.60 -1.73 3.81
C VAL B 14 5.99 -2.07 5.16
N ASP B 15 4.72 -2.49 5.18
CA ASP B 15 4.01 -2.73 6.44
C ASP B 15 4.60 -3.97 7.13
N ILE B 16 4.95 -4.98 6.35
CA ILE B 16 5.59 -6.19 6.89
C ILE B 16 6.92 -5.86 7.61
N LEU B 17 7.76 -5.09 6.93
CA LEU B 17 9.09 -4.72 7.43
C LEU B 17 8.97 -3.71 8.59
N GLN B 18 7.99 -2.83 8.52
CA GLN B 18 7.74 -1.88 9.60
CA GLN B 18 7.78 -1.87 9.61
C GLN B 18 7.50 -2.62 10.90
N LYS B 19 6.55 -3.56 10.88
CA LYS B 19 6.20 -4.34 12.08
C LYS B 19 7.33 -5.26 12.58
N LEU B 20 8.03 -5.92 11.63
CA LEU B 20 9.22 -6.68 11.97
C LEU B 20 10.23 -5.78 12.66
N GLY B 21 10.41 -4.59 12.13
CA GLY B 21 11.33 -3.62 12.70
C GLY B 21 11.08 -3.26 14.16
N GLU B 22 9.80 -3.31 14.57
CA GLU B 22 9.44 -3.00 15.95
C GLU B 22 9.87 -4.12 16.89
N GLU B 23 9.85 -5.36 16.40
CA GLU B 23 10.38 -6.50 17.14
C GLU B 23 11.86 -6.34 17.33
N PHE B 24 12.53 -5.84 16.29
CA PHE B 24 13.96 -5.69 16.33
C PHE B 24 14.32 -4.59 17.33
N LYS B 25 13.53 -3.50 17.33
CA LYS B 25 13.78 -2.40 18.22
C LYS B 25 13.69 -2.87 19.67
N ALA B 26 12.73 -3.74 19.97
CA ALA B 26 12.55 -4.29 21.31
C ALA B 26 13.73 -5.17 21.76
N LYS B 27 14.32 -5.89 20.82
CA LYS B 27 15.43 -6.79 21.12
C LYS B 27 16.81 -6.11 21.14
N TYR B 28 16.96 -5.02 20.38
CA TYR B 28 18.25 -4.34 20.25
C TYR B 28 18.26 -2.83 20.52
N GLY B 29 17.10 -2.25 20.82
CA GLY B 29 16.99 -0.79 20.95
C GLY B 29 17.34 -0.01 19.69
N VAL B 30 17.25 -0.64 18.52
CA VAL B 30 17.58 0.01 17.25
C VAL B 30 16.29 0.20 16.46
N GLU B 31 15.94 1.46 16.21
CA GLU B 31 14.81 1.82 15.37
C GLU B 31 15.06 1.34 13.92
N VAL B 32 14.00 0.86 13.26
CA VAL B 32 14.10 0.42 11.87
C VAL B 32 13.15 1.28 11.03
N GLU B 33 13.74 2.18 10.24
CA GLU B 33 12.99 3.02 9.32
C GLU B 33 12.83 2.40 7.92
N VAL B 34 11.59 2.32 7.43
CA VAL B 34 11.25 1.62 6.20
C VAL B 34 10.65 2.56 5.13
N GLN B 35 11.25 2.57 3.94
CA GLN B 35 10.83 3.46 2.88
C GLN B 35 10.75 2.73 1.54
N TYR B 36 9.55 2.71 0.95
CA TYR B 36 9.38 2.29 -0.44
C TYR B 36 10.23 3.16 -1.36
N VAL B 37 11.03 2.50 -2.18
CA VAL B 37 11.77 3.15 -3.23
C VAL B 37 11.61 2.30 -4.48
N ASN B 38 11.27 2.97 -5.58
CA ASN B 38 11.12 2.37 -6.89
C ASN B 38 12.31 1.49 -7.24
N PHE B 39 12.00 0.27 -7.66
CA PHE B 39 12.98 -0.78 -7.90
C PHE B 39 14.07 -0.32 -8.85
N GLN B 40 13.66 0.28 -9.97
CA GLN B 40 14.56 0.76 -11.02
C GLN B 40 15.54 1.76 -10.45
N ASP B 41 15.00 2.69 -9.68
CA ASP B 41 15.77 3.79 -9.11
C ASP B 41 16.75 3.37 -8.00
N ILE B 42 16.52 2.20 -7.39
CA ILE B 42 17.34 1.76 -6.26
C ILE B 42 18.80 1.64 -6.69
N LYS B 43 19.03 1.02 -7.84
CA LYS B 43 20.39 0.71 -8.30
C LYS B 43 21.29 1.96 -8.39
N SER B 44 20.84 2.96 -9.14
CA SER B 44 21.60 4.21 -9.29
C SER B 44 21.69 5.00 -7.97
N LYS B 45 20.56 5.20 -7.30
CA LYS B 45 20.54 5.81 -5.97
C LYS B 45 21.58 5.19 -5.04
N PHE B 46 21.59 3.87 -4.97
CA PHE B 46 22.53 3.16 -4.08
C PHE B 46 23.99 3.29 -4.54
N LEU B 47 24.26 3.08 -5.82
CA LEU B 47 25.65 3.15 -6.32
C LEU B 47 26.25 4.50 -6.00
N THR B 48 25.43 5.54 -6.12
CA THR B 48 25.86 6.90 -5.89
C THR B 48 25.93 7.24 -4.39
N ALA B 49 24.87 6.90 -3.66
CA ALA B 49 24.70 7.32 -2.26
C ALA B 49 25.56 6.58 -1.24
N ALA B 50 25.85 5.30 -1.47
CA ALA B 50 26.54 4.47 -0.47
C ALA B 50 27.98 4.91 -0.20
N PRO B 51 28.78 5.19 -1.26
CA PRO B 51 30.11 5.80 -1.05
C PRO B 51 30.12 7.19 -0.40
N GLU B 52 29.00 7.92 -0.46
CA GLU B 52 28.83 9.19 0.25
C GLU B 52 28.28 9.02 1.67
N GLY B 53 28.13 7.78 2.12
CA GLY B 53 27.61 7.51 3.46
C GLY B 53 26.10 7.67 3.63
N GLN B 54 25.39 7.85 2.52
CA GLN B 54 23.94 8.12 2.56
C GLN B 54 23.07 6.94 2.14
N GLY B 55 23.69 5.81 1.79
CA GLY B 55 22.91 4.64 1.38
C GLY B 55 22.14 4.04 2.55
N ALA B 56 20.94 3.51 2.27
CA ALA B 56 20.23 2.68 3.26
C ALA B 56 21.12 1.53 3.72
N ASP B 57 20.80 0.98 4.90
CA ASP B 57 21.58 -0.10 5.46
C ASP B 57 21.23 -1.45 4.79
N ILE B 58 19.96 -1.56 4.38
CA ILE B 58 19.45 -2.72 3.67
C ILE B 58 18.68 -2.19 2.45
N ILE B 59 18.83 -2.88 1.32
CA ILE B 59 18.08 -2.60 0.12
C ILE B 59 17.51 -3.88 -0.47
N VAL B 60 16.48 -3.70 -1.27
CA VAL B 60 15.93 -4.73 -2.11
CA VAL B 60 15.98 -4.78 -2.13
C VAL B 60 16.51 -4.52 -3.54
N GLY B 61 16.62 -5.57 -4.34
CA GLY B 61 17.16 -5.40 -5.69
C GLY B 61 17.17 -6.67 -6.50
N ALA B 62 17.54 -6.54 -7.78
CA ALA B 62 17.67 -7.68 -8.69
C ALA B 62 18.99 -8.36 -8.47
N HIS B 63 18.98 -9.70 -8.55
CA HIS B 63 20.21 -10.48 -8.42
C HIS B 63 21.23 -10.13 -9.51
N ASP B 64 20.75 -9.59 -10.62
CA ASP B 64 21.60 -9.15 -11.75
C ASP B 64 22.65 -8.11 -11.33
N TRP B 65 22.32 -7.30 -10.33
CA TRP B 65 23.21 -6.22 -9.86
C TRP B 65 24.33 -6.68 -8.97
N VAL B 66 24.32 -7.95 -8.55
CA VAL B 66 25.22 -8.44 -7.48
C VAL B 66 26.72 -8.40 -7.81
N GLY B 67 27.09 -8.71 -9.06
CA GLY B 67 28.49 -8.71 -9.47
C GLY B 67 29.12 -7.34 -9.41
N GLU B 68 28.43 -6.35 -9.97
CA GLU B 68 28.86 -4.97 -9.88
C GLU B 68 28.93 -4.46 -8.43
N LEU B 69 27.87 -4.68 -7.67
CA LEU B 69 27.80 -4.20 -6.29
C LEU B 69 28.88 -4.85 -5.41
N ALA B 70 29.17 -6.13 -5.63
CA ALA B 70 30.16 -6.85 -4.85
C ALA B 70 31.58 -6.39 -5.14
N VAL B 71 31.92 -6.24 -6.42
CA VAL B 71 33.29 -5.84 -6.80
C VAL B 71 33.59 -4.40 -6.42
N ASN B 72 32.59 -3.52 -6.49
CA ASN B 72 32.71 -2.18 -5.95
C ASN B 72 32.66 -2.10 -4.41
N GLY B 73 32.59 -3.26 -3.75
CA GLY B 73 32.62 -3.33 -2.29
C GLY B 73 31.47 -2.60 -1.62
N LEU B 74 30.33 -2.55 -2.30
CA LEU B 74 29.15 -1.82 -1.83
C LEU B 74 28.13 -2.69 -1.09
N ILE B 75 28.19 -4.00 -1.31
CA ILE B 75 27.34 -4.90 -0.55
C ILE B 75 28.18 -5.91 0.19
N GLU B 76 27.67 -6.37 1.32
CA GLU B 76 28.40 -7.17 2.29
C GLU B 76 28.05 -8.64 2.14
N PRO B 77 29.06 -9.52 2.22
CA PRO B 77 28.79 -10.96 2.26
C PRO B 77 27.94 -11.34 3.46
N ILE B 78 27.01 -12.27 3.24
CA ILE B 78 26.11 -12.77 4.27
C ILE B 78 26.71 -14.08 4.77
N PRO B 79 27.07 -14.15 6.08
CA PRO B 79 27.61 -15.41 6.63
C PRO B 79 26.57 -16.53 6.72
N ASN B 80 27.06 -17.77 6.64
CA ASN B 80 26.19 -18.93 6.61
C ASN B 80 25.40 -19.09 7.87
N PHE B 81 24.16 -19.54 7.77
CA PHE B 81 23.37 -19.87 8.93
C PHE B 81 22.54 -21.02 8.47
N SER B 82 22.16 -21.91 9.39
CA SER B 82 21.60 -23.21 8.98
C SER B 82 20.22 -23.11 8.30
N ASP B 83 19.47 -22.06 8.60
CA ASP B 83 18.18 -21.81 7.94
C ASP B 83 18.30 -21.63 6.40
N LEU B 84 19.50 -21.30 5.92
CA LEU B 84 19.76 -21.23 4.47
C LEU B 84 19.49 -22.53 3.69
N LYS B 85 19.39 -23.65 4.39
CA LYS B 85 19.16 -24.93 3.73
C LYS B 85 17.69 -25.05 3.29
N ASN B 86 16.82 -24.17 3.79
CA ASN B 86 15.42 -24.17 3.35
C ASN B 86 15.16 -23.32 2.10
N PHE B 87 16.21 -22.72 1.57
CA PHE B 87 16.12 -21.87 0.39
C PHE B 87 16.46 -22.66 -0.90
N TYR B 88 15.70 -22.44 -1.97
CA TYR B 88 16.05 -23.04 -3.25
C TYR B 88 17.47 -22.67 -3.61
N GLU B 89 18.26 -23.65 -4.07
CA GLU B 89 19.65 -23.40 -4.38
C GLU B 89 19.85 -22.37 -5.49
N THR B 90 19.02 -22.43 -6.53
CA THR B 90 19.16 -21.44 -7.61
CA THR B 90 19.10 -21.46 -7.63
C THR B 90 18.91 -20.01 -7.11
N ALA B 91 18.02 -19.83 -6.13
CA ALA B 91 17.79 -18.51 -5.51
C ALA B 91 19.06 -17.98 -4.81
N LEU B 92 19.72 -18.84 -4.03
CA LEU B 92 20.95 -18.46 -3.34
C LEU B 92 22.08 -18.26 -4.32
N ASN B 93 22.18 -19.15 -5.31
CA ASN B 93 23.19 -18.99 -6.36
C ASN B 93 23.05 -17.67 -7.10
N ALA B 94 21.82 -17.25 -7.37
CA ALA B 94 21.59 -15.96 -8.03
C ALA B 94 22.18 -14.75 -7.27
N PHE B 95 22.19 -14.82 -5.94
CA PHE B 95 22.74 -13.74 -5.09
C PHE B 95 24.15 -14.00 -4.61
N SER B 96 24.80 -15.02 -5.18
CA SER B 96 26.18 -15.35 -4.84
C SER B 96 27.11 -14.91 -5.96
N TYR B 97 28.32 -14.54 -5.58
CA TYR B 97 29.31 -14.06 -6.52
C TYR B 97 30.69 -14.34 -5.92
N GLY B 98 31.58 -14.92 -6.73
CA GLY B 98 32.94 -15.16 -6.31
C GLY B 98 33.02 -16.17 -5.20
N GLY B 99 32.04 -17.07 -5.11
CA GLY B 99 31.95 -18.02 -4.01
C GLY B 99 31.42 -17.48 -2.68
N LYS B 100 30.82 -16.30 -2.67
CA LYS B 100 30.20 -15.76 -1.44
C LYS B 100 28.73 -15.40 -1.67
N LEU B 101 27.88 -15.67 -0.68
CA LEU B 101 26.48 -15.21 -0.69
C LEU B 101 26.41 -13.72 -0.34
N TYR B 102 25.66 -12.95 -1.14
CA TYR B 102 25.59 -11.51 -1.01
C TYR B 102 24.18 -10.96 -0.85
N GLY B 103 23.21 -11.84 -0.58
CA GLY B 103 21.85 -11.38 -0.31
C GLY B 103 20.97 -12.53 0.07
N ILE B 104 19.76 -12.20 0.54
CA ILE B 104 18.74 -13.15 0.85
C ILE B 104 17.63 -12.98 -0.15
N PRO B 105 17.39 -14.02 -0.97
CA PRO B 105 16.32 -13.94 -1.97
C PRO B 105 14.92 -14.08 -1.30
N TYR B 106 13.98 -13.28 -1.77
CA TYR B 106 12.55 -13.42 -1.38
C TYR B 106 11.61 -13.82 -2.53
N ALA B 107 12.08 -13.70 -3.79
CA ALA B 107 11.26 -14.02 -4.96
C ALA B 107 12.10 -14.54 -6.12
N MET B 108 11.52 -15.45 -6.90
CA MET B 108 12.08 -15.90 -8.19
C MET B 108 10.99 -15.77 -9.30
N GLU B 109 11.43 -15.81 -10.56
CA GLU B 109 10.56 -15.81 -11.73
C GLU B 109 11.23 -16.64 -12.83
N ALA B 110 10.46 -17.50 -13.46
CA ALA B 110 10.94 -18.33 -14.58
C ALA B 110 9.74 -18.72 -15.41
N ILE B 111 9.99 -19.00 -16.68
CA ILE B 111 8.95 -19.48 -17.59
C ILE B 111 8.72 -20.96 -17.42
N ALA B 112 7.53 -21.40 -17.77
CA ALA B 112 7.18 -22.79 -17.74
C ALA B 112 6.16 -23.07 -18.84
N LEU B 113 5.79 -24.33 -18.97
CA LEU B 113 4.72 -24.71 -19.89
C LEU B 113 3.35 -24.28 -19.34
N ILE B 114 2.64 -23.44 -20.08
CA ILE B 114 1.27 -23.06 -19.78
C ILE B 114 0.40 -23.64 -20.90
N TYR B 115 -0.58 -24.45 -20.53
CA TYR B 115 -1.35 -25.21 -21.51
C TYR B 115 -2.84 -25.01 -21.28
N ASN B 116 -3.59 -24.97 -22.38
CA ASN B 116 -5.03 -24.78 -22.33
C ASN B 116 -5.73 -26.13 -22.28
N LYS B 117 -6.42 -26.40 -21.17
CA LYS B 117 -6.95 -27.75 -20.88
C LYS B 117 -8.11 -28.20 -21.80
N ASP B 118 -8.76 -27.25 -22.48
CA ASP B 118 -9.73 -27.61 -23.53
C ASP B 118 -9.08 -28.48 -24.59
N TYR B 119 -7.78 -28.29 -24.81
CA TYR B 119 -7.04 -29.01 -25.85
C TYR B 119 -6.04 -30.03 -25.30
N VAL B 120 -5.35 -29.68 -24.21
CA VAL B 120 -4.40 -30.60 -23.57
C VAL B 120 -4.73 -30.71 -22.08
N PRO B 121 -5.62 -31.64 -21.72
CA PRO B 121 -6.04 -31.83 -20.32
C PRO B 121 -4.91 -32.36 -19.42
N GLU B 122 -3.97 -33.10 -20.01
CA GLU B 122 -2.79 -33.56 -19.30
C GLU B 122 -1.52 -33.17 -20.09
N PRO B 123 -0.57 -32.48 -19.42
CA PRO B 123 0.61 -31.98 -20.13
C PRO B 123 1.63 -33.06 -20.51
N PRO B 124 2.33 -32.86 -21.64
CA PRO B 124 3.39 -33.79 -22.04
C PRO B 124 4.52 -33.84 -21.01
N LYS B 125 5.14 -35.01 -20.85
CA LYS B 125 6.29 -35.18 -19.96
C LYS B 125 7.61 -34.98 -20.68
N THR B 126 7.59 -35.07 -22.01
CA THR B 126 8.78 -34.90 -22.86
C THR B 126 8.49 -34.01 -24.06
N MET B 127 9.55 -33.53 -24.69
CA MET B 127 9.41 -32.66 -25.86
C MET B 127 8.83 -33.43 -27.05
N ASP B 128 9.36 -34.63 -27.30
CA ASP B 128 8.78 -35.54 -28.30
C ASP B 128 7.28 -35.68 -28.15
N GLU B 129 6.82 -35.92 -26.93
CA GLU B 129 5.39 -36.03 -26.64
C GLU B 129 4.68 -34.70 -26.90
N LEU B 130 5.26 -33.59 -26.45
CA LEU B 130 4.74 -32.25 -26.75
C LEU B 130 4.57 -32.03 -28.26
N ILE B 131 5.61 -32.38 -29.02
CA ILE B 131 5.64 -32.29 -30.49
C ILE B 131 4.50 -33.08 -31.15
N GLU B 132 4.43 -34.37 -30.79
CA GLU B 132 3.38 -35.29 -31.21
C GLU B 132 1.97 -34.77 -30.92
N ILE B 133 1.84 -33.96 -29.87
CA ILE B 133 0.55 -33.41 -29.45
C ILE B 133 0.22 -32.09 -30.17
N ALA B 134 1.23 -31.28 -30.44
CA ALA B 134 1.04 -30.01 -31.15
C ALA B 134 0.72 -30.24 -32.63
N LYS B 135 1.37 -31.23 -33.24
CA LYS B 135 1.04 -31.70 -34.59
C LYS B 135 -0.46 -31.96 -34.71
N GLN B 136 -0.96 -32.83 -33.84
CA GLN B 136 -2.37 -33.22 -33.82
C GLN B 136 -3.31 -32.03 -33.70
N ILE B 137 -2.92 -31.02 -32.92
CA ILE B 137 -3.74 -29.80 -32.76
C ILE B 137 -3.78 -28.98 -34.05
N ASP B 138 -2.63 -28.79 -34.68
CA ASP B 138 -2.53 -28.01 -35.92
C ASP B 138 -3.35 -28.72 -37.01
N GLU B 139 -3.31 -30.06 -37.02
CA GLU B 139 -4.14 -30.85 -37.91
C GLU B 139 -5.62 -30.57 -37.67
N GLU B 140 -6.13 -31.02 -36.53
CA GLU B 140 -7.57 -31.00 -36.24
C GLU B 140 -8.19 -29.61 -36.29
N PHE B 141 -7.48 -28.61 -35.81
CA PHE B 141 -8.05 -27.25 -35.75
C PHE B 141 -7.55 -26.35 -36.87
N GLY B 142 -6.77 -26.94 -37.77
CA GLY B 142 -6.41 -26.32 -39.04
C GLY B 142 -6.10 -24.84 -38.96
N GLY B 143 -5.29 -24.45 -37.99
CA GLY B 143 -4.67 -23.14 -38.01
C GLY B 143 -5.48 -21.97 -37.46
N GLU B 144 -6.55 -22.27 -36.73
CA GLU B 144 -7.15 -21.27 -35.82
C GLU B 144 -7.02 -21.72 -34.36
N VAL B 145 -6.15 -22.72 -34.14
CA VAL B 145 -5.67 -23.12 -32.81
C VAL B 145 -4.25 -23.66 -32.99
N ARG B 146 -3.26 -22.85 -32.61
CA ARG B 146 -1.85 -23.27 -32.62
C ARG B 146 -1.58 -24.33 -31.54
N GLY B 147 -0.96 -25.44 -31.93
CA GLY B 147 -0.59 -26.48 -30.98
C GLY B 147 0.43 -26.01 -29.93
N PHE B 148 1.48 -25.35 -30.39
CA PHE B 148 2.52 -24.81 -29.53
C PHE B 148 3.05 -23.47 -30.09
N ILE B 149 3.19 -22.49 -29.22
CA ILE B 149 3.92 -21.28 -29.57
C ILE B 149 4.91 -20.91 -28.45
N THR B 150 6.05 -20.36 -28.86
CA THR B 150 6.87 -19.52 -27.99
C THR B 150 7.61 -18.51 -28.86
N SER B 151 8.45 -17.66 -28.26
CA SER B 151 9.19 -16.66 -29.03
C SER B 151 10.44 -17.32 -29.62
N ALA B 152 10.22 -17.94 -30.78
CA ALA B 152 11.20 -18.82 -31.46
C ALA B 152 12.60 -18.24 -31.72
N ALA B 153 12.73 -16.94 -31.86
CA ALA B 153 14.06 -16.37 -32.12
C ALA B 153 14.58 -15.53 -30.96
N GLU B 154 14.00 -15.70 -29.77
CA GLU B 154 14.43 -14.92 -28.61
C GLU B 154 15.20 -15.83 -27.63
N PHE B 155 16.46 -15.52 -27.40
CA PHE B 155 17.36 -16.33 -26.57
C PHE B 155 16.70 -16.65 -25.21
N TYR B 156 16.06 -15.67 -24.58
CA TYR B 156 15.42 -15.85 -23.27
C TYR B 156 14.44 -17.02 -23.25
N TYR B 157 13.65 -17.15 -24.32
CA TYR B 157 12.66 -18.22 -24.45
C TYR B 157 13.21 -19.59 -24.91
N ILE B 158 14.39 -19.58 -25.53
CA ILE B 158 15.02 -20.81 -26.04
C ILE B 158 16.08 -21.34 -25.08
N ALA B 159 16.52 -20.49 -24.16
CA ALA B 159 17.50 -20.85 -23.11
C ALA B 159 17.25 -22.18 -22.41
N PRO B 160 15.98 -22.51 -22.09
CA PRO B 160 15.67 -23.76 -21.42
C PRO B 160 16.20 -25.01 -22.16
N PHE B 161 16.25 -24.94 -23.48
CA PHE B 161 16.76 -26.03 -24.32
C PHE B 161 18.28 -26.02 -24.34
N ILE B 162 18.85 -24.85 -24.53
CA ILE B 162 20.30 -24.68 -24.51
C ILE B 162 20.92 -25.11 -23.19
N PHE B 163 20.34 -24.64 -22.09
CA PHE B 163 20.89 -24.90 -20.75
C PHE B 163 20.62 -26.35 -20.31
N GLY B 164 19.43 -26.86 -20.61
CA GLY B 164 19.09 -28.26 -20.34
C GLY B 164 20.11 -29.27 -20.88
N TYR B 165 20.70 -28.99 -22.04
CA TYR B 165 21.69 -29.87 -22.66
C TYR B 165 23.14 -29.56 -22.28
N GLY B 166 23.36 -28.64 -21.35
CA GLY B 166 24.72 -28.36 -20.89
C GLY B 166 25.36 -27.14 -21.50
N GLY B 167 24.58 -26.34 -22.24
CA GLY B 167 25.09 -25.03 -22.64
C GLY B 167 25.15 -24.14 -21.40
N TYR B 168 26.00 -23.12 -21.45
CA TYR B 168 26.05 -22.11 -20.40
C TYR B 168 26.52 -20.79 -21.01
N VAL B 169 26.22 -19.69 -20.32
CA VAL B 169 26.65 -18.38 -20.76
C VAL B 169 28.13 -18.17 -20.39
N PHE B 170 28.41 -18.02 -19.09
CA PHE B 170 29.78 -18.01 -18.59
C PHE B 170 29.94 -19.20 -17.67
N LYS B 171 31.12 -19.81 -17.70
CA LYS B 171 31.37 -20.98 -16.87
C LYS B 171 31.20 -20.67 -15.37
N GLN B 172 30.27 -21.40 -14.73
CA GLN B 172 29.98 -21.28 -13.30
C GLN B 172 30.85 -22.27 -12.55
N THR B 173 31.62 -21.77 -11.58
CA THR B 173 32.59 -22.56 -10.79
C THR B 173 32.34 -22.38 -9.28
N GLU B 174 33.08 -23.11 -8.43
CA GLU B 174 33.01 -22.90 -6.97
C GLU B 174 33.43 -21.46 -6.59
N LYS B 175 34.28 -20.86 -7.43
CA LYS B 175 34.76 -19.49 -7.29
C LYS B 175 33.88 -18.46 -7.99
N GLY B 176 32.71 -18.86 -8.50
CA GLY B 176 31.86 -17.94 -9.29
C GLY B 176 32.04 -18.08 -10.79
N LEU B 177 31.76 -16.99 -11.52
CA LEU B 177 31.69 -17.00 -12.99
C LEU B 177 32.99 -16.63 -13.72
N ASP B 178 33.31 -17.41 -14.76
CA ASP B 178 34.45 -17.13 -15.64
C ASP B 178 33.97 -16.51 -16.96
N VAL B 179 34.04 -15.18 -17.04
CA VAL B 179 33.50 -14.45 -18.19
C VAL B 179 34.30 -14.64 -19.47
N ASN B 180 35.50 -15.23 -19.35
CA ASN B 180 36.33 -15.56 -20.52
C ASN B 180 35.88 -16.89 -21.14
N ASP B 181 35.29 -17.73 -20.30
CA ASP B 181 34.84 -19.07 -20.66
C ASP B 181 33.33 -19.07 -21.00
N ILE B 182 33.02 -18.96 -22.29
CA ILE B 182 31.64 -18.90 -22.80
C ILE B 182 31.24 -20.23 -23.46
N GLY B 183 30.12 -20.81 -23.02
CA GLY B 183 29.67 -22.11 -23.54
C GLY B 183 28.38 -22.09 -24.36
N LEU B 184 28.20 -21.02 -25.12
CA LEU B 184 27.01 -20.86 -25.95
C LEU B 184 27.13 -21.49 -27.35
N ALA B 185 28.27 -22.11 -27.65
CA ALA B 185 28.47 -22.84 -28.89
C ALA B 185 29.09 -24.21 -28.64
N ASN B 186 28.94 -24.72 -27.42
CA ASN B 186 29.40 -26.05 -27.09
C ASN B 186 28.37 -27.07 -27.57
N GLU B 187 28.71 -28.35 -27.43
CA GLU B 187 27.90 -29.42 -27.97
C GLU B 187 26.51 -29.39 -27.38
N GLY B 188 26.42 -29.03 -26.10
CA GLY B 188 25.13 -28.89 -25.44
C GLY B 188 24.27 -27.78 -26.03
N ALA B 189 24.88 -26.63 -26.23
CA ALA B 189 24.21 -25.46 -26.79
C ALA B 189 23.73 -25.77 -28.21
N ILE B 190 24.63 -26.32 -29.02
CA ILE B 190 24.30 -26.79 -30.37
C ILE B 190 23.11 -27.73 -30.36
N LYS B 191 23.14 -28.72 -29.46
CA LYS B 191 22.06 -29.70 -29.36
C LYS B 191 20.72 -29.11 -28.95
N GLY B 192 20.76 -28.10 -28.08
CA GLY B 192 19.56 -27.37 -27.69
C GLY B 192 18.99 -26.52 -28.80
N VAL B 193 19.84 -25.84 -29.55
CA VAL B 193 19.37 -25.06 -30.69
C VAL B 193 18.99 -25.99 -31.85
N LYS B 194 19.58 -27.18 -31.90
CA LYS B 194 19.13 -28.19 -32.87
C LYS B 194 17.67 -28.62 -32.63
N LEU B 195 17.23 -28.67 -31.38
CA LEU B 195 15.83 -28.96 -31.04
C LEU B 195 14.88 -27.85 -31.49
N LEU B 196 15.28 -26.59 -31.29
CA LEU B 196 14.56 -25.47 -31.86
C LEU B 196 14.38 -25.63 -33.39
N LYS B 197 15.41 -26.13 -34.08
CA LYS B 197 15.34 -26.31 -35.53
C LYS B 197 14.33 -27.39 -35.92
N ARG B 198 14.32 -28.49 -35.18
CA ARG B 198 13.33 -29.54 -35.34
C ARG B 198 11.90 -29.04 -35.09
N LEU B 199 11.75 -27.99 -34.27
CA LEU B 199 10.43 -27.43 -34.01
C LEU B 199 9.98 -26.57 -35.19
N VAL B 200 10.88 -25.77 -35.73
CA VAL B 200 10.55 -24.99 -36.93
C VAL B 200 10.37 -25.92 -38.15
N ASP B 201 11.27 -26.88 -38.30
CA ASP B 201 11.25 -27.81 -39.45
C ASP B 201 10.01 -28.67 -39.51
N GLU B 202 9.48 -29.06 -38.36
CA GLU B 202 8.27 -29.89 -38.32
C GLU B 202 7.02 -29.04 -38.17
N GLY B 203 7.14 -27.74 -38.48
CA GLY B 203 5.98 -26.86 -38.61
C GLY B 203 5.23 -26.50 -37.34
N ILE B 204 5.79 -26.90 -36.19
CA ILE B 204 5.16 -26.64 -34.89
C ILE B 204 5.40 -25.20 -34.46
N LEU B 205 6.60 -24.70 -34.75
CA LEU B 205 6.92 -23.29 -34.59
C LEU B 205 7.15 -22.66 -35.95
N ASP B 206 6.90 -21.36 -36.03
CA ASP B 206 7.27 -20.54 -37.17
C ASP B 206 8.39 -19.54 -36.80
N PRO B 207 9.24 -19.17 -37.77
CA PRO B 207 10.29 -18.18 -37.52
C PRO B 207 9.77 -16.79 -37.18
N SER B 208 8.49 -16.55 -37.45
CA SER B 208 7.85 -15.27 -37.17
C SER B 208 7.33 -15.14 -35.72
N ASP B 209 7.15 -16.28 -35.04
CA ASP B 209 6.62 -16.31 -33.66
C ASP B 209 7.39 -15.38 -32.73
N ASN B 210 6.67 -14.52 -32.01
CA ASN B 210 7.27 -13.65 -31.00
C ASN B 210 6.44 -13.68 -29.72
N TYR B 211 6.75 -12.81 -28.75
CA TYR B 211 6.00 -12.81 -27.50
C TYR B 211 4.52 -12.45 -27.72
N GLN B 212 4.28 -11.35 -28.45
CA GLN B 212 2.92 -10.88 -28.69
C GLN B 212 2.05 -11.92 -29.35
N ILE B 213 2.61 -12.66 -30.29
CA ILE B 213 1.84 -13.68 -30.98
C ILE B 213 1.52 -14.79 -29.97
N MET B 214 2.55 -15.32 -29.32
CA MET B 214 2.35 -16.34 -28.28
C MET B 214 1.27 -15.94 -27.26
N ASP B 215 1.50 -14.79 -26.64
CA ASP B 215 0.66 -14.29 -25.55
C ASP B 215 -0.78 -13.94 -25.98
N SER B 216 -0.90 -13.14 -27.04
CA SER B 216 -2.21 -12.71 -27.54
C SER B 216 -3.07 -13.90 -27.97
N MET B 217 -2.47 -14.87 -28.65
CA MET B 217 -3.21 -16.05 -29.11
C MET B 217 -3.64 -16.99 -27.98
N PHE B 218 -2.81 -17.15 -26.94
CA PHE B 218 -3.17 -18.03 -25.81
C PHE B 218 -4.34 -17.44 -25.03
N ARG B 219 -4.28 -16.12 -24.83
CA ARG B 219 -5.32 -15.35 -24.17
C ARG B 219 -6.67 -15.46 -24.88
N GLU B 220 -6.64 -15.55 -26.21
CA GLU B 220 -7.87 -15.57 -27.02
C GLU B 220 -8.33 -16.99 -27.38
N GLY B 221 -7.70 -18.01 -26.82
CA GLY B 221 -8.14 -19.39 -27.03
C GLY B 221 -7.55 -20.05 -28.25
N GLN B 222 -6.60 -19.37 -28.90
CA GLN B 222 -6.05 -19.83 -30.19
C GLN B 222 -4.68 -20.52 -30.02
N ALA B 223 -4.45 -21.15 -28.87
CA ALA B 223 -3.18 -21.86 -28.62
C ALA B 223 -3.33 -22.85 -27.49
N ALA B 224 -2.92 -24.08 -27.77
CA ALA B 224 -3.03 -25.18 -26.82
C ALA B 224 -1.92 -25.16 -25.77
N MET B 225 -0.71 -24.81 -26.18
CA MET B 225 0.44 -24.80 -25.25
C MET B 225 1.43 -23.69 -25.60
N ILE B 226 1.95 -23.03 -24.55
CA ILE B 226 2.96 -22.01 -24.69
C ILE B 226 4.01 -22.18 -23.60
N ILE B 227 5.11 -21.45 -23.75
CA ILE B 227 6.13 -21.33 -22.72
C ILE B 227 6.21 -19.86 -22.32
N ASN B 228 5.65 -19.54 -21.16
CA ASN B 228 5.60 -18.16 -20.66
C ASN B 228 5.71 -18.15 -19.13
N GLY B 229 5.73 -16.97 -18.54
CA GLY B 229 6.02 -16.81 -17.10
C GLY B 229 4.84 -16.33 -16.28
N PRO B 230 5.04 -16.21 -14.94
CA PRO B 230 3.92 -15.96 -14.04
C PRO B 230 3.26 -14.61 -14.25
N TRP B 231 3.98 -13.65 -14.82
CA TRP B 231 3.45 -12.32 -15.16
C TRP B 231 2.24 -12.34 -16.11
N ALA B 232 2.16 -13.35 -16.97
CA ALA B 232 1.14 -13.43 -18.00
C ALA B 232 -0.18 -14.04 -17.53
N ILE B 233 -0.17 -14.64 -16.33
CA ILE B 233 -1.27 -15.50 -15.88
C ILE B 233 -2.59 -14.78 -15.61
N LYS B 234 -2.52 -13.60 -15.01
CA LYS B 234 -3.73 -12.83 -14.67
C LYS B 234 -4.59 -12.62 -15.90
N ALA B 235 -3.94 -12.22 -16.99
CA ALA B 235 -4.62 -11.91 -18.25
C ALA B 235 -5.34 -13.13 -18.80
N TYR B 236 -4.72 -14.31 -18.69
CA TYR B 236 -5.37 -15.55 -19.11
C TYR B 236 -6.54 -15.91 -18.19
N LYS B 237 -6.36 -15.73 -16.87
CA LYS B 237 -7.46 -15.92 -15.91
C LYS B 237 -8.61 -15.00 -16.28
N ASP B 238 -8.29 -13.71 -16.40
CA ASP B 238 -9.26 -12.65 -16.67
C ASP B 238 -10.02 -12.85 -17.99
N ALA B 239 -9.39 -13.51 -18.95
CA ALA B 239 -10.05 -13.85 -20.22
C ALA B 239 -10.78 -15.19 -20.17
N GLY B 240 -10.78 -15.85 -19.02
CA GLY B 240 -11.55 -17.08 -18.84
C GLY B 240 -10.98 -18.35 -19.45
N ILE B 241 -9.65 -18.44 -19.55
CA ILE B 241 -8.99 -19.64 -20.07
C ILE B 241 -8.77 -20.63 -18.95
N ASP B 242 -9.18 -21.88 -19.13
CA ASP B 242 -8.92 -22.92 -18.14
C ASP B 242 -7.55 -23.50 -18.43
N TYR B 243 -6.53 -22.76 -17.99
CA TYR B 243 -5.10 -23.11 -18.18
C TYR B 243 -4.54 -23.92 -17.01
N GLY B 244 -3.44 -24.61 -17.28
CA GLY B 244 -2.61 -25.22 -16.24
C GLY B 244 -1.17 -24.76 -16.40
N VAL B 245 -0.34 -25.01 -15.38
CA VAL B 245 1.09 -24.73 -15.43
C VAL B 245 1.87 -25.97 -15.06
N ALA B 246 2.85 -26.31 -15.88
CA ALA B 246 3.72 -27.45 -15.61
C ALA B 246 5.15 -27.12 -15.97
N PRO B 247 6.12 -27.86 -15.41
CA PRO B 247 7.47 -27.66 -15.93
C PRO B 247 7.52 -27.87 -17.44
N ILE B 248 8.48 -27.23 -18.09
CA ILE B 248 8.73 -27.52 -19.49
C ILE B 248 9.06 -29.02 -19.54
N PRO B 249 8.43 -29.76 -20.47
CA PRO B 249 8.78 -31.18 -20.66
C PRO B 249 10.28 -31.43 -20.75
N ASP B 250 10.73 -32.49 -20.08
CA ASP B 250 12.10 -32.94 -20.24
C ASP B 250 12.46 -33.01 -21.72
N LEU B 251 13.61 -32.46 -22.06
CA LEU B 251 14.13 -32.43 -23.43
C LEU B 251 14.29 -33.84 -24.03
N GLU B 252 14.94 -34.72 -23.26
CA GLU B 252 14.83 -36.17 -23.46
C GLU B 252 14.77 -36.84 -22.08
N PRO B 253 14.52 -38.17 -22.02
CA PRO B 253 14.52 -38.82 -20.70
C PRO B 253 15.81 -38.56 -19.90
N GLY B 254 15.63 -38.19 -18.62
CA GLY B 254 16.74 -37.80 -17.75
C GLY B 254 17.31 -36.42 -17.93
N VAL B 255 16.73 -35.57 -18.78
CA VAL B 255 17.36 -34.29 -19.13
C VAL B 255 16.36 -33.14 -19.04
N PRO B 256 16.16 -32.58 -17.84
CA PRO B 256 15.18 -31.51 -17.69
C PRO B 256 15.53 -30.22 -18.42
N ALA B 257 14.49 -29.45 -18.73
CA ALA B 257 14.68 -28.13 -19.26
C ALA B 257 15.17 -27.23 -18.11
N ARG B 258 16.09 -26.32 -18.38
CA ARG B 258 16.62 -25.42 -17.33
C ARG B 258 16.49 -23.97 -17.80
N PRO B 259 15.41 -23.29 -17.39
CA PRO B 259 15.12 -21.92 -17.85
C PRO B 259 16.01 -20.90 -17.17
N PHE B 260 16.09 -19.71 -17.76
CA PHE B 260 16.58 -18.54 -17.02
C PHE B 260 15.68 -18.30 -15.78
N VAL B 261 16.32 -17.91 -14.69
CA VAL B 261 15.62 -17.45 -13.51
C VAL B 261 16.09 -16.04 -13.13
N GLY B 262 15.11 -15.17 -12.93
CA GLY B 262 15.30 -13.86 -12.30
C GLY B 262 14.93 -13.95 -10.83
N VAL B 263 15.75 -13.39 -9.94
CA VAL B 263 15.51 -13.47 -8.51
C VAL B 263 15.58 -12.06 -7.89
N GLN B 264 14.72 -11.79 -6.92
CA GLN B 264 14.86 -10.55 -6.11
C GLN B 264 15.19 -10.87 -4.66
N GLY B 265 15.98 -9.99 -4.05
CA GLY B 265 16.47 -10.23 -2.69
C GLY B 265 16.87 -8.99 -1.92
N PHE B 266 17.23 -9.22 -0.66
CA PHE B 266 17.69 -8.17 0.24
C PHE B 266 19.19 -8.20 0.30
N MET B 267 19.79 -7.01 0.24
CA MET B 267 21.22 -6.87 0.34
C MET B 267 21.61 -5.87 1.45
N VAL B 268 22.77 -6.10 2.06
CA VAL B 268 23.30 -5.24 3.12
C VAL B 268 24.40 -4.26 2.62
N ASN B 269 24.26 -2.99 2.98
CA ASN B 269 25.27 -1.94 2.72
C ASN B 269 26.62 -2.18 3.43
N ALA B 270 27.67 -2.41 2.63
CA ALA B 270 29.00 -2.74 3.13
C ALA B 270 29.66 -1.52 3.77
N LYS B 271 29.21 -0.34 3.37
CA LYS B 271 29.71 0.93 3.89
C LYS B 271 28.92 1.43 5.13
N SER B 272 28.01 0.61 5.68
CA SER B 272 27.17 1.04 6.81
C SER B 272 27.87 0.76 8.11
N PRO B 273 27.92 1.76 9.02
CA PRO B 273 28.51 1.50 10.34
C PRO B 273 27.74 0.42 11.12
N ASN B 274 26.45 0.25 10.83
CA ASN B 274 25.63 -0.71 11.55
C ASN B 274 25.34 -1.98 10.74
N LYS B 275 26.33 -2.44 9.98
CA LYS B 275 26.12 -3.59 9.09
C LYS B 275 25.96 -4.91 9.81
N LEU B 276 26.61 -5.10 10.97
CA LEU B 276 26.36 -6.29 11.79
C LEU B 276 24.91 -6.40 12.26
N LEU B 277 24.35 -5.29 12.76
CA LEU B 277 22.94 -5.25 13.14
C LEU B 277 22.02 -5.43 11.89
N ALA B 278 22.39 -4.85 10.76
CA ALA B 278 21.68 -5.08 9.49
C ALA B 278 21.67 -6.59 9.14
N ILE B 279 22.83 -7.21 9.16
CA ILE B 279 22.92 -8.67 8.96
C ILE B 279 22.03 -9.42 9.96
N GLU B 280 22.03 -9.02 11.23
CA GLU B 280 21.19 -9.72 12.21
C GLU B 280 19.70 -9.55 11.89
N PHE B 281 19.26 -8.34 11.58
CA PHE B 281 17.87 -8.15 11.18
C PHE B 281 17.51 -8.99 9.91
N LEU B 282 18.40 -8.98 8.93
CA LEU B 282 18.16 -9.72 7.70
C LEU B 282 18.04 -11.24 7.90
N THR B 283 19.04 -11.80 8.57
CA THR B 283 19.16 -13.26 8.72
C THR B 283 18.22 -13.82 9.77
N SER B 284 18.01 -13.11 10.88
CA SER B 284 17.15 -13.63 11.96
C SER B 284 15.72 -13.13 11.95
N PHE B 285 15.40 -12.08 11.20
CA PHE B 285 14.03 -11.58 11.16
C PHE B 285 13.42 -11.67 9.75
N ILE B 286 14.06 -11.00 8.79
CA ILE B 286 13.55 -10.95 7.41
C ILE B 286 13.54 -12.35 6.75
N ALA B 287 14.61 -13.10 6.97
CA ALA B 287 14.82 -14.36 6.27
C ALA B 287 13.94 -15.50 6.73
N LYS B 288 13.32 -15.35 7.89
CA LYS B 288 12.50 -16.39 8.50
C LYS B 288 11.38 -16.87 7.59
N LYS B 289 10.97 -18.10 7.81
CA LYS B 289 9.91 -18.73 7.01
C LYS B 289 8.62 -17.92 7.06
N GLU B 290 8.22 -17.52 8.26
CA GLU B 290 6.97 -16.80 8.46
C GLU B 290 6.98 -15.46 7.78
N THR B 291 8.10 -14.75 7.85
CA THR B 291 8.25 -13.47 7.14
C THR B 291 8.15 -13.69 5.64
N MET B 292 8.94 -14.63 5.11
CA MET B 292 8.91 -14.97 3.67
C MET B 292 7.54 -15.31 3.12
N TYR B 293 6.74 -15.97 3.97
CA TYR B 293 5.34 -16.29 3.66
C TYR B 293 4.43 -15.04 3.62
N ARG B 294 4.60 -14.11 4.56
CA ARG B 294 3.84 -12.88 4.54
C ARG B 294 4.26 -12.05 3.33
N ILE B 295 5.55 -12.05 3.03
CA ILE B 295 6.07 -11.38 1.85
C ILE B 295 5.37 -11.95 0.63
N TYR B 296 5.34 -13.29 0.55
CA TYR B 296 4.66 -13.98 -0.55
C TYR B 296 3.17 -13.58 -0.67
N LEU B 297 2.44 -13.54 0.43
CA LEU B 297 1.05 -13.07 0.42
C LEU B 297 0.86 -11.63 -0.08
N GLY B 298 1.73 -10.73 0.34
CA GLY B 298 1.69 -9.33 -0.13
C GLY B 298 2.01 -9.16 -1.61
N ASP B 299 2.78 -10.07 -2.19
CA ASP B 299 3.17 -9.96 -3.60
C ASP B 299 3.58 -11.36 -4.10
N PRO B 300 2.60 -12.16 -4.51
CA PRO B 300 2.92 -13.55 -4.77
C PRO B 300 3.70 -13.76 -6.07
N ARG B 301 5.01 -13.89 -5.97
CA ARG B 301 5.81 -14.26 -7.12
C ARG B 301 6.05 -15.79 -7.04
N LEU B 302 7.26 -16.28 -7.17
CA LEU B 302 7.57 -17.66 -6.77
C LEU B 302 8.40 -17.57 -5.49
N PRO B 303 8.13 -18.43 -4.49
CA PRO B 303 8.92 -18.29 -3.27
C PRO B 303 10.39 -18.65 -3.47
N SER B 304 11.24 -18.05 -2.64
CA SER B 304 12.65 -18.38 -2.61
C SER B 304 12.96 -19.58 -1.67
N ARG B 305 11.96 -20.00 -0.88
CA ARG B 305 12.10 -21.00 0.19
C ARG B 305 11.20 -22.19 -0.08
N LYS B 306 11.80 -23.37 -0.06
CA LYS B 306 11.08 -24.64 -0.23
C LYS B 306 9.92 -24.82 0.73
N ASP B 307 10.12 -24.39 1.98
CA ASP B 307 9.12 -24.60 3.03
C ASP B 307 7.98 -23.59 2.98
N VAL B 308 8.18 -22.53 2.20
CA VAL B 308 7.13 -21.60 1.90
C VAL B 308 6.29 -22.17 0.74
N LEU B 309 6.95 -22.75 -0.25
CA LEU B 309 6.22 -23.44 -1.30
C LEU B 309 5.26 -24.48 -0.72
N GLU B 310 5.78 -25.29 0.20
CA GLU B 310 4.98 -26.32 0.91
C GLU B 310 3.70 -25.79 1.53
N LEU B 311 3.73 -24.56 2.06
CA LEU B 311 2.54 -23.93 2.67
C LEU B 311 1.50 -23.50 1.64
N VAL B 312 1.93 -23.36 0.39
CA VAL B 312 1.03 -22.91 -0.70
C VAL B 312 0.91 -23.92 -1.84
N LYS B 313 1.32 -25.16 -1.60
CA LYS B 313 1.43 -26.17 -2.65
C LYS B 313 0.11 -26.77 -3.09
N ASP B 314 -0.98 -26.11 -2.74
CA ASP B 314 -2.26 -26.49 -3.30
C ASP B 314 -2.77 -25.43 -4.27
N ASN B 315 -1.91 -24.46 -4.62
CA ASN B 315 -2.09 -23.64 -5.82
C ASN B 315 -1.24 -24.33 -6.88
N PRO B 316 -1.91 -25.00 -7.83
CA PRO B 316 -1.12 -25.76 -8.81
C PRO B 316 -0.26 -24.87 -9.73
N ASP B 317 -0.63 -23.60 -9.89
CA ASP B 317 0.17 -22.68 -10.69
C ASP B 317 1.56 -22.43 -10.08
N VAL B 318 1.59 -21.99 -8.83
CA VAL B 318 2.88 -21.65 -8.21
C VAL B 318 3.78 -22.89 -8.15
N VAL B 319 3.17 -24.07 -8.02
CA VAL B 319 3.95 -25.31 -7.96
C VAL B 319 4.64 -25.58 -9.29
N GLY B 320 3.87 -25.49 -10.38
CA GLY B 320 4.43 -25.72 -11.71
C GLY B 320 5.57 -24.76 -12.01
N PHE B 321 5.36 -23.49 -11.72
CA PHE B 321 6.37 -22.45 -11.96
C PHE B 321 7.63 -22.61 -11.09
N THR B 322 7.43 -22.92 -9.82
CA THR B 322 8.56 -23.02 -8.87
C THR B 322 9.42 -24.27 -9.17
N LEU B 323 8.75 -25.37 -9.52
CA LEU B 323 9.45 -26.55 -10.07
C LEU B 323 10.36 -26.20 -11.25
N SER B 324 9.84 -25.39 -12.17
CA SER B 324 10.61 -24.94 -13.32
C SER B 324 11.80 -24.07 -12.91
N ALA B 325 11.51 -23.05 -12.12
CA ALA B 325 12.54 -22.17 -11.55
C ALA B 325 13.61 -22.93 -10.76
N ALA B 326 13.22 -23.89 -9.93
CA ALA B 326 14.19 -24.67 -9.14
C ALA B 326 15.21 -25.36 -10.02
N ASN B 327 14.78 -25.78 -11.20
CA ASN B 327 15.66 -26.36 -12.24
C ASN B 327 16.48 -25.35 -13.04
N GLY B 328 16.19 -24.08 -12.88
CA GLY B 328 16.75 -23.04 -13.73
C GLY B 328 18.14 -22.51 -13.41
N ILE B 329 18.61 -21.65 -14.29
CA ILE B 329 19.93 -21.05 -14.22
C ILE B 329 19.72 -19.54 -14.00
N PRO B 330 20.28 -18.96 -12.92
CA PRO B 330 20.14 -17.48 -12.80
C PRO B 330 20.72 -16.77 -14.02
N MET B 331 20.08 -15.70 -14.48
CA MET B 331 20.70 -14.84 -15.45
C MET B 331 22.03 -14.37 -14.82
N PRO B 332 23.17 -14.55 -15.52
CA PRO B 332 24.49 -14.15 -15.02
C PRO B 332 24.54 -12.73 -14.41
N ASN B 333 25.00 -12.67 -13.16
CA ASN B 333 24.90 -11.46 -12.32
C ASN B 333 26.11 -10.53 -12.45
N VAL B 334 26.63 -10.42 -13.68
CA VAL B 334 27.76 -9.57 -14.00
C VAL B 334 27.37 -8.62 -15.13
N PRO B 335 28.06 -7.49 -15.26
CA PRO B 335 27.72 -6.52 -16.30
C PRO B 335 27.91 -7.04 -17.74
N GLN B 336 28.79 -8.02 -17.94
CA GLN B 336 29.03 -8.61 -19.27
C GLN B 336 27.82 -9.31 -19.91
N MET B 337 26.76 -9.57 -19.14
CA MET B 337 25.58 -10.22 -19.69
C MET B 337 24.84 -9.33 -20.70
N ALA B 338 25.03 -8.01 -20.58
CA ALA B 338 24.32 -7.06 -21.42
C ALA B 338 24.58 -7.29 -22.91
N ALA B 339 25.81 -7.66 -23.23
CA ALA B 339 26.23 -7.86 -24.61
C ALA B 339 25.80 -9.21 -25.20
N VAL B 340 25.20 -10.08 -24.36
CA VAL B 340 24.90 -11.48 -24.73
C VAL B 340 23.58 -11.64 -25.50
N TRP B 341 22.57 -10.85 -25.13
CA TRP B 341 21.20 -11.06 -25.60
C TRP B 341 21.04 -10.86 -27.12
N ALA B 342 21.48 -9.71 -27.59
CA ALA B 342 21.42 -9.32 -29.01
C ALA B 342 22.11 -10.34 -29.90
N ALA B 343 23.33 -10.65 -29.51
CA ALA B 343 24.15 -11.67 -30.19
C ALA B 343 23.40 -12.96 -30.38
N MET B 344 22.70 -13.42 -29.34
CA MET B 344 22.06 -14.72 -29.38
C MET B 344 20.70 -14.68 -30.05
N ASN B 345 19.96 -13.58 -29.86
CA ASN B 345 18.70 -13.38 -30.59
C ASN B 345 18.97 -13.41 -32.11
N ASP B 346 20.02 -12.73 -32.55
CA ASP B 346 20.35 -12.67 -33.98
C ASP B 346 20.75 -14.03 -34.51
N ALA B 347 21.68 -14.69 -33.82
CA ALA B 347 22.05 -16.08 -34.16
C ALA B 347 20.83 -17.00 -34.30
N LEU B 348 19.89 -16.92 -33.37
CA LEU B 348 18.68 -17.77 -33.40
C LEU B 348 17.73 -17.42 -34.54
N ASN B 349 17.64 -16.13 -34.88
CA ASN B 349 16.85 -15.70 -36.04
C ASN B 349 17.40 -16.32 -37.33
N LEU B 350 18.71 -16.21 -37.51
CA LEU B 350 19.41 -16.90 -38.61
C LEU B 350 19.10 -18.39 -38.70
N VAL B 351 18.94 -19.04 -37.56
CA VAL B 351 18.71 -20.50 -37.54
C VAL B 351 17.29 -20.84 -37.98
N VAL B 352 16.30 -20.19 -37.37
CA VAL B 352 14.89 -20.48 -37.66
C VAL B 352 14.52 -20.07 -39.08
N ASN B 353 15.11 -18.97 -39.56
CA ASN B 353 14.93 -18.49 -40.93
C ASN B 353 15.85 -19.19 -41.97
N GLY B 354 16.48 -20.30 -41.57
CA GLY B 354 17.33 -21.09 -42.46
C GLY B 354 18.54 -20.37 -43.06
N LYS B 355 18.89 -19.21 -42.50
CA LYS B 355 19.98 -18.39 -43.03
C LYS B 355 21.40 -18.83 -42.62
N ALA B 356 21.49 -19.82 -41.71
CA ALA B 356 22.78 -20.39 -41.32
C ALA B 356 22.60 -21.66 -40.50
N THR B 357 23.64 -22.50 -40.44
CA THR B 357 23.61 -23.71 -39.64
C THR B 357 23.69 -23.35 -38.15
N VAL B 358 23.32 -24.31 -37.30
CA VAL B 358 23.36 -24.07 -35.85
C VAL B 358 24.79 -23.74 -35.44
N GLU B 359 25.71 -24.63 -35.78
CA GLU B 359 27.12 -24.51 -35.42
C GLU B 359 27.69 -23.16 -35.84
N GLU B 360 27.42 -22.75 -37.08
CA GLU B 360 27.97 -21.51 -37.63
C GLU B 360 27.41 -20.30 -36.90
N ALA B 361 26.09 -20.29 -36.72
CA ALA B 361 25.39 -19.19 -36.04
C ALA B 361 25.85 -19.03 -34.59
N LEU B 362 25.87 -20.15 -33.86
CA LEU B 362 26.33 -20.15 -32.46
C LEU B 362 27.81 -19.75 -32.35
N LYS B 363 28.63 -20.20 -33.29
CA LYS B 363 30.05 -19.83 -33.26
C LYS B 363 30.27 -18.34 -33.53
N ASN B 364 29.46 -17.75 -34.39
CA ASN B 364 29.52 -16.31 -34.66
C ASN B 364 28.93 -15.46 -33.55
N ALA B 365 28.03 -16.06 -32.76
CA ALA B 365 27.46 -15.38 -31.61
C ALA B 365 28.57 -15.17 -30.58
N VAL B 366 29.22 -16.26 -30.20
CA VAL B 366 30.29 -16.24 -29.20
C VAL B 366 31.37 -15.27 -29.62
N GLU B 367 31.80 -15.41 -30.87
CA GLU B 367 32.80 -14.54 -31.47
C GLU B 367 32.41 -13.07 -31.28
N ARG B 368 31.17 -12.74 -31.62
CA ARG B 368 30.65 -11.38 -31.43
C ARG B 368 30.61 -10.96 -29.95
N ILE B 369 30.19 -11.89 -29.09
CA ILE B 369 30.14 -11.65 -27.65
C ILE B 369 31.56 -11.47 -27.12
N LYS B 370 32.44 -12.42 -27.41
CA LYS B 370 33.86 -12.31 -27.01
C LYS B 370 34.48 -10.99 -27.49
N ALA B 371 34.04 -10.52 -28.65
CA ALA B 371 34.52 -9.26 -29.20
C ALA B 371 34.01 -8.07 -28.38
N GLN B 372 32.69 -7.97 -28.26
CA GLN B 372 32.06 -6.85 -27.56
C GLN B 372 32.54 -6.68 -26.11
N ILE B 373 32.96 -7.78 -25.48
CA ILE B 373 33.57 -7.71 -24.14
C ILE B 373 35.11 -7.75 -24.19
N GLN B 374 35.69 -7.09 -25.19
CA GLN B 374 37.15 -6.90 -25.23
C GLN B 374 37.51 -5.53 -25.81
N PRO C 3 -11.42 23.59 5.54
CA PRO C 3 -12.03 22.34 5.08
C PRO C 3 -13.48 22.13 5.52
N LYS C 4 -14.28 21.56 4.63
CA LYS C 4 -15.65 21.19 4.92
C LYS C 4 -15.83 19.73 4.49
N LEU C 5 -16.54 18.94 5.30
CA LEU C 5 -16.97 17.60 4.88
C LEU C 5 -18.43 17.65 4.56
N THR C 6 -18.83 17.03 3.46
CA THR C 6 -20.23 16.87 3.10
C THR C 6 -20.62 15.38 3.17
N ILE C 7 -21.76 15.11 3.80
CA ILE C 7 -22.29 13.74 3.96
C ILE C 7 -23.72 13.65 3.42
N TRP C 8 -23.94 12.66 2.55
CA TRP C 8 -25.26 12.33 2.06
C TRP C 8 -25.71 11.03 2.73
N CYS C 9 -26.78 11.14 3.49
CA CYS C 9 -27.22 10.08 4.35
C CYS C 9 -28.72 9.81 4.13
N SER C 10 -29.27 8.87 4.90
CA SER C 10 -30.69 8.57 4.91
C SER C 10 -31.42 9.53 5.82
N GLU C 11 -32.71 9.68 5.57
CA GLU C 11 -33.52 10.63 6.30
C GLU C 11 -33.45 10.40 7.81
N LYS C 12 -33.43 9.13 8.22
CA LYS C 12 -33.41 8.79 9.64
C LYS C 12 -32.01 8.83 10.29
N GLN C 13 -31.00 9.26 9.54
CA GLN C 13 -29.65 9.43 10.04
C GLN C 13 -29.24 10.90 10.20
N VAL C 14 -30.02 11.85 9.65
CA VAL C 14 -29.60 13.26 9.60
C VAL C 14 -29.26 13.85 10.97
N ASP C 15 -30.18 13.79 11.91
CA ASP C 15 -29.96 14.42 13.20
C ASP C 15 -28.81 13.76 13.91
N ILE C 16 -28.72 12.44 13.85
CA ILE C 16 -27.56 11.72 14.43
C ILE C 16 -26.26 12.23 13.82
N LEU C 17 -26.18 12.27 12.50
CA LEU C 17 -24.93 12.67 11.86
C LEU C 17 -24.63 14.17 12.03
N GLN C 18 -25.68 14.99 12.21
CA GLN C 18 -25.53 16.43 12.44
CA GLN C 18 -25.47 16.43 12.40
C GLN C 18 -24.74 16.65 13.74
N LYS C 19 -25.25 16.07 14.81
CA LYS C 19 -24.66 16.15 16.13
C LYS C 19 -23.26 15.53 16.15
N LEU C 20 -23.10 14.40 15.49
CA LEU C 20 -21.79 13.75 15.42
C LEU C 20 -20.79 14.66 14.71
N GLY C 21 -21.25 15.32 13.63
CA GLY C 21 -20.41 16.25 12.90
C GLY C 21 -19.95 17.41 13.76
N GLU C 22 -20.81 17.86 14.67
CA GLU C 22 -20.47 18.93 15.61
C GLU C 22 -19.35 18.48 16.59
N GLU C 23 -19.33 17.19 16.95
CA GLU C 23 -18.18 16.65 17.68
C GLU C 23 -16.91 16.68 16.84
N PHE C 24 -17.01 16.26 15.59
CA PHE C 24 -15.88 16.29 14.68
C PHE C 24 -15.36 17.75 14.50
N LYS C 25 -16.29 18.70 14.39
CA LYS C 25 -15.90 20.10 14.34
C LYS C 25 -15.12 20.53 15.60
N ALA C 26 -15.52 20.02 16.75
CA ALA C 26 -14.85 20.39 18.00
C ALA C 26 -13.41 19.86 18.05
N LYS C 27 -13.21 18.67 17.48
CA LYS C 27 -11.93 17.98 17.52
C LYS C 27 -10.97 18.33 16.37
N TYR C 28 -11.50 18.52 15.17
CA TYR C 28 -10.66 18.75 13.99
C TYR C 28 -10.79 20.17 13.44
N GLY C 29 -11.75 20.93 13.95
CA GLY C 29 -12.00 22.28 13.49
C GLY C 29 -12.65 22.31 12.12
N VAL C 30 -13.25 21.20 11.69
CA VAL C 30 -13.76 21.04 10.34
C VAL C 30 -15.29 20.99 10.38
N GLU C 31 -15.93 21.73 9.48
CA GLU C 31 -17.38 21.77 9.40
C GLU C 31 -17.89 20.52 8.71
N VAL C 32 -19.00 19.99 9.18
CA VAL C 32 -19.63 18.82 8.56
C VAL C 32 -21.06 19.15 8.17
N GLU C 33 -21.34 19.12 6.88
CA GLU C 33 -22.69 19.38 6.34
C GLU C 33 -23.39 18.05 6.00
N VAL C 34 -24.65 17.91 6.41
CA VAL C 34 -25.41 16.65 6.24
C VAL C 34 -26.69 16.89 5.43
N GLN C 35 -26.89 16.10 4.39
CA GLN C 35 -28.08 16.17 3.53
C GLN C 35 -28.71 14.79 3.41
N TYR C 36 -30.02 14.68 3.63
CA TYR C 36 -30.76 13.50 3.20
C TYR C 36 -30.80 13.50 1.68
N VAL C 37 -30.27 12.45 1.07
CA VAL C 37 -30.42 12.18 -0.35
C VAL C 37 -30.79 10.68 -0.42
N ASN C 38 -31.83 10.34 -1.20
CA ASN C 38 -32.24 8.95 -1.32
C ASN C 38 -31.27 8.12 -2.16
N PHE C 39 -31.41 6.80 -2.08
CA PHE C 39 -30.48 5.86 -2.71
C PHE C 39 -30.40 6.05 -4.21
N GLN C 40 -31.54 6.19 -4.86
CA GLN C 40 -31.56 6.37 -6.34
C GLN C 40 -30.78 7.60 -6.77
N ASP C 41 -30.98 8.70 -6.04
CA ASP C 41 -30.31 9.97 -6.37
C ASP C 41 -28.80 9.91 -6.12
N ILE C 42 -28.40 9.22 -5.05
CA ILE C 42 -26.99 9.01 -4.75
C ILE C 42 -26.33 8.18 -5.85
N LYS C 43 -26.96 7.09 -6.25
CA LYS C 43 -26.36 6.26 -7.28
C LYS C 43 -26.19 7.03 -8.61
N SER C 44 -27.27 7.70 -9.06
CA SER C 44 -27.22 8.55 -10.26
C SER C 44 -26.10 9.55 -10.24
N LYS C 45 -25.96 10.28 -9.14
CA LYS C 45 -24.90 11.28 -9.04
C LYS C 45 -23.51 10.67 -9.13
N PHE C 46 -23.31 9.46 -8.59
CA PHE C 46 -21.97 8.84 -8.57
C PHE C 46 -21.63 7.99 -9.77
N LEU C 47 -22.64 7.54 -10.51
CA LEU C 47 -22.41 6.99 -11.84
C LEU C 47 -22.48 8.13 -12.88
N THR C 48 -21.66 9.18 -12.66
CA THR C 48 -21.65 10.39 -13.50
C THR C 48 -20.51 11.38 -13.13
N ALA C 49 -20.62 11.98 -11.94
CA ALA C 49 -19.88 13.22 -11.57
C ALA C 49 -18.76 13.03 -10.54
N ALA C 50 -18.66 11.84 -9.95
CA ALA C 50 -17.56 11.52 -9.04
C ALA C 50 -16.16 11.69 -9.72
N PRO C 51 -16.00 11.24 -10.99
CA PRO C 51 -14.68 11.36 -11.63
C PRO C 51 -14.18 12.79 -11.99
N GLU C 52 -14.95 13.83 -11.64
CA GLU C 52 -14.50 15.22 -11.69
C GLU C 52 -14.07 15.67 -10.28
N GLY C 53 -15.04 15.74 -9.38
CA GLY C 53 -14.85 16.31 -8.04
C GLY C 53 -16.02 17.24 -7.75
N GLN C 54 -17.17 16.64 -7.41
CA GLN C 54 -18.40 17.41 -7.16
C GLN C 54 -19.36 16.82 -6.10
N GLY C 55 -19.47 15.48 -6.01
CA GLY C 55 -20.36 14.85 -5.01
C GLY C 55 -19.87 14.94 -3.55
N ALA C 56 -20.75 14.57 -2.62
CA ALA C 56 -20.46 14.56 -1.18
C ALA C 56 -19.18 13.78 -0.87
N ASP C 57 -18.62 14.01 0.32
CA ASP C 57 -17.39 13.31 0.69
C ASP C 57 -17.66 11.92 1.22
N ILE C 58 -18.78 11.76 1.91
CA ILE C 58 -19.22 10.48 2.45
C ILE C 58 -20.64 10.27 1.98
N ILE C 59 -20.93 9.06 1.50
CA ILE C 59 -22.29 8.70 1.07
C ILE C 59 -22.74 7.39 1.69
N VAL C 60 -24.05 7.22 1.78
CA VAL C 60 -24.63 5.91 2.05
C VAL C 60 -25.07 5.24 0.76
N GLY C 61 -25.23 3.93 0.82
CA GLY C 61 -25.62 3.18 -0.35
C GLY C 61 -25.73 1.70 -0.10
N ALA C 62 -26.13 1.02 -1.16
CA ALA C 62 -26.21 -0.45 -1.20
C ALA C 62 -24.85 -1.08 -1.48
N HIS C 63 -24.57 -2.18 -0.81
CA HIS C 63 -23.35 -2.93 -1.06
C HIS C 63 -23.23 -3.43 -2.52
N ASP C 64 -24.37 -3.66 -3.19
CA ASP C 64 -24.39 -4.12 -4.58
C ASP C 64 -23.63 -3.18 -5.53
N TRP C 65 -23.56 -1.90 -5.17
CA TRP C 65 -22.86 -0.86 -5.98
C TRP C 65 -21.35 -0.94 -5.91
N VAL C 66 -20.81 -1.69 -4.96
CA VAL C 66 -19.40 -1.58 -4.61
C VAL C 66 -18.45 -2.03 -5.70
N GLY C 67 -18.77 -3.11 -6.40
CA GLY C 67 -17.85 -3.59 -7.45
C GLY C 67 -17.57 -2.54 -8.52
N GLU C 68 -18.64 -1.92 -9.02
CA GLU C 68 -18.61 -0.91 -10.08
C GLU C 68 -17.95 0.41 -9.57
N LEU C 69 -18.36 0.87 -8.39
CA LEU C 69 -17.75 2.06 -7.80
C LEU C 69 -16.27 1.86 -7.54
N ALA C 70 -15.91 0.68 -7.06
CA ALA C 70 -14.53 0.34 -6.78
C ALA C 70 -13.69 0.23 -8.04
N VAL C 71 -14.15 -0.51 -9.06
CA VAL C 71 -13.30 -0.71 -10.26
C VAL C 71 -13.04 0.58 -10.99
N ASN C 72 -14.04 1.46 -10.99
CA ASN C 72 -13.93 2.74 -11.67
C ASN C 72 -13.25 3.82 -10.82
N GLY C 73 -12.64 3.41 -9.71
CA GLY C 73 -11.93 4.32 -8.80
C GLY C 73 -12.79 5.38 -8.14
N LEU C 74 -14.09 5.13 -7.97
CA LEU C 74 -14.98 6.18 -7.46
C LEU C 74 -15.13 6.23 -5.92
N ILE C 75 -14.78 5.15 -5.23
CA ILE C 75 -14.87 5.08 -3.78
C ILE C 75 -13.55 4.57 -3.23
N GLU C 76 -13.22 5.01 -2.03
CA GLU C 76 -11.88 4.87 -1.49
C GLU C 76 -11.75 3.61 -0.61
N PRO C 77 -10.64 2.85 -0.75
CA PRO C 77 -10.38 1.78 0.25
C PRO C 77 -10.34 2.28 1.71
N ILE C 78 -10.95 1.53 2.61
CA ILE C 78 -10.96 1.88 4.03
C ILE C 78 -9.84 1.08 4.73
N PRO C 79 -8.85 1.77 5.31
CA PRO C 79 -7.80 1.03 6.03
C PRO C 79 -8.33 0.27 7.21
N ASN C 80 -7.62 -0.79 7.58
CA ASN C 80 -8.01 -1.63 8.69
C ASN C 80 -7.87 -0.88 10.01
N PHE C 81 -8.75 -1.17 10.95
CA PHE C 81 -8.62 -0.66 12.31
C PHE C 81 -9.21 -1.76 13.17
N SER C 82 -8.72 -1.89 14.41
CA SER C 82 -9.08 -3.04 15.26
C SER C 82 -10.56 -3.14 15.58
N ASP C 83 -11.24 -2.01 15.70
CA ASP C 83 -12.68 -2.02 15.99
C ASP C 83 -13.51 -2.82 14.98
N LEU C 84 -12.97 -3.06 13.79
CA LEU C 84 -13.66 -3.86 12.77
C LEU C 84 -13.93 -5.29 13.22
N LYS C 85 -13.21 -5.75 14.23
CA LYS C 85 -13.42 -7.06 14.81
C LYS C 85 -14.84 -7.20 15.35
N ASN C 86 -15.49 -6.07 15.61
CA ASN C 86 -16.85 -6.05 16.14
C ASN C 86 -17.98 -6.11 15.12
N PHE C 87 -17.65 -6.11 13.82
CA PHE C 87 -18.69 -6.15 12.78
C PHE C 87 -18.88 -7.57 12.29
N TYR C 88 -20.11 -7.92 11.92
CA TYR C 88 -20.34 -9.20 11.28
C TYR C 88 -19.48 -9.33 10.06
N GLU C 89 -18.80 -10.45 9.98
CA GLU C 89 -17.94 -10.79 8.86
C GLU C 89 -18.67 -10.61 7.51
N THR C 90 -19.93 -11.02 7.43
CA THR C 90 -20.68 -10.92 6.17
C THR C 90 -20.95 -9.49 5.76
N ALA C 91 -21.20 -8.61 6.75
CA ALA C 91 -21.44 -7.18 6.49
C ALA C 91 -20.21 -6.49 5.89
N LEU C 92 -19.03 -6.80 6.44
CA LEU C 92 -17.76 -6.33 5.89
C LEU C 92 -17.45 -6.92 4.50
N ASN C 93 -17.66 -8.22 4.31
CA ASN C 93 -17.41 -8.84 3.00
C ASN C 93 -18.31 -8.21 1.96
N ALA C 94 -19.53 -7.89 2.33
CA ALA C 94 -20.45 -7.28 1.39
C ALA C 94 -19.94 -5.94 0.85
N PHE C 95 -19.21 -5.19 1.69
CA PHE C 95 -18.60 -3.90 1.30
C PHE C 95 -17.17 -4.00 0.84
N SER C 96 -16.74 -5.20 0.47
CA SER C 96 -15.40 -5.45 -0.01
C SER C 96 -15.39 -5.85 -1.47
N TYR C 97 -14.28 -5.52 -2.13
CA TYR C 97 -14.09 -5.80 -3.54
C TYR C 97 -12.61 -6.02 -3.82
N GLY C 98 -12.30 -7.07 -4.57
CA GLY C 98 -10.94 -7.29 -5.00
C GLY C 98 -9.91 -7.43 -3.89
N GLY C 99 -10.35 -7.79 -2.69
CA GLY C 99 -9.43 -7.96 -1.56
C GLY C 99 -9.42 -6.79 -0.59
N LYS C 100 -10.26 -5.78 -0.81
CA LYS C 100 -10.16 -4.56 -0.04
C LYS C 100 -11.52 -4.16 0.43
N LEU C 101 -11.55 -3.54 1.61
CA LEU C 101 -12.77 -2.99 2.19
C LEU C 101 -13.05 -1.62 1.63
N TYR C 102 -14.28 -1.38 1.21
CA TYR C 102 -14.67 -0.11 0.59
C TYR C 102 -15.82 0.62 1.26
N GLY C 103 -16.17 0.26 2.48
CA GLY C 103 -17.27 0.91 3.14
C GLY C 103 -17.42 0.42 4.54
N ILE C 104 -18.18 1.17 5.35
CA ILE C 104 -18.54 0.76 6.70
C ILE C 104 -20.03 0.48 6.74
N PRO C 105 -20.41 -0.80 6.95
CA PRO C 105 -21.82 -1.14 6.98
C PRO C 105 -22.56 -0.75 8.26
N TYR C 106 -23.84 -0.38 8.12
CA TYR C 106 -24.69 -0.02 9.26
C TYR C 106 -25.96 -0.88 9.38
N ALA C 107 -26.29 -1.65 8.35
CA ALA C 107 -27.54 -2.41 8.33
C ALA C 107 -27.44 -3.65 7.47
N MET C 108 -28.06 -4.73 7.91
CA MET C 108 -28.16 -5.93 7.09
C MET C 108 -29.62 -6.29 6.80
N GLU C 109 -29.83 -7.16 5.82
CA GLU C 109 -31.18 -7.62 5.49
C GLU C 109 -31.11 -9.03 4.90
N ALA C 110 -31.85 -9.94 5.51
CA ALA C 110 -31.88 -11.36 5.12
C ALA C 110 -33.23 -11.93 5.52
N ILE C 111 -33.62 -13.01 4.84
CA ILE C 111 -34.81 -13.79 5.22
C ILE C 111 -34.49 -14.76 6.36
N ALA C 112 -35.57 -15.20 7.01
CA ALA C 112 -35.49 -16.14 8.14
C ALA C 112 -36.84 -16.84 8.29
N LEU C 113 -36.92 -17.78 9.22
CA LEU C 113 -38.18 -18.47 9.49
C LEU C 113 -39.13 -17.58 10.27
N ILE C 114 -40.25 -17.26 9.64
CA ILE C 114 -41.38 -16.61 10.28
C ILE C 114 -42.48 -17.65 10.51
N TYR C 115 -42.91 -17.80 11.76
CA TYR C 115 -43.86 -18.84 12.14
C TYR C 115 -45.08 -18.28 12.91
N ASN C 116 -46.24 -18.92 12.68
CA ASN C 116 -47.51 -18.53 13.30
C ASN C 116 -47.64 -19.36 14.56
N LYS C 117 -47.54 -18.69 15.72
CA LYS C 117 -47.34 -19.37 17.00
C LYS C 117 -48.56 -20.15 17.50
N ASP C 118 -49.74 -19.82 16.98
CA ASP C 118 -50.93 -20.62 17.23
C ASP C 118 -50.70 -22.04 16.77
N TYR C 119 -50.17 -22.17 15.55
CA TYR C 119 -49.92 -23.46 14.92
C TYR C 119 -48.56 -24.05 15.28
N VAL C 120 -47.55 -23.18 15.38
CA VAL C 120 -46.19 -23.59 15.75
C VAL C 120 -45.71 -22.68 16.89
N PRO C 121 -45.98 -23.08 18.14
CA PRO C 121 -45.59 -22.21 19.26
C PRO C 121 -44.09 -22.15 19.49
N GLU C 122 -43.39 -23.24 19.13
CA GLU C 122 -41.93 -23.26 19.14
C GLU C 122 -41.45 -23.64 17.74
N PRO C 123 -40.41 -22.94 17.25
CA PRO C 123 -39.95 -23.16 15.89
C PRO C 123 -39.10 -24.42 15.82
N PRO C 124 -39.15 -25.15 14.69
CA PRO C 124 -38.28 -26.30 14.50
C PRO C 124 -36.81 -25.93 14.49
N LYS C 125 -35.97 -26.77 15.08
CA LYS C 125 -34.52 -26.57 15.16
C LYS C 125 -33.81 -27.09 13.93
N THR C 126 -34.40 -28.07 13.24
CA THR C 126 -33.78 -28.70 12.06
C THR C 126 -34.79 -28.73 10.92
N MET C 127 -34.30 -28.96 9.71
CA MET C 127 -35.18 -29.00 8.54
C MET C 127 -36.05 -30.26 8.58
N ASP C 128 -35.47 -31.39 9.00
CA ASP C 128 -36.20 -32.63 9.28
C ASP C 128 -37.38 -32.35 10.20
N GLU C 129 -37.09 -31.65 11.30
CA GLU C 129 -38.13 -31.28 12.25
C GLU C 129 -39.15 -30.32 11.65
N LEU C 130 -38.72 -29.43 10.75
CA LEU C 130 -39.66 -28.53 10.08
C LEU C 130 -40.61 -29.31 9.16
N ILE C 131 -40.03 -30.23 8.39
CA ILE C 131 -40.77 -31.09 7.47
C ILE C 131 -41.81 -31.93 8.22
N GLU C 132 -41.37 -32.56 9.30
CA GLU C 132 -42.26 -33.28 10.22
C GLU C 132 -43.46 -32.42 10.65
N ILE C 133 -43.23 -31.15 10.98
CA ILE C 133 -44.29 -30.25 11.45
C ILE C 133 -45.24 -29.84 10.33
N ALA C 134 -44.69 -29.61 9.15
CA ALA C 134 -45.50 -29.17 8.01
C ALA C 134 -46.44 -30.28 7.54
N LYS C 135 -45.98 -31.54 7.64
CA LYS C 135 -46.84 -32.70 7.36
C LYS C 135 -48.02 -32.75 8.35
N GLN C 136 -47.71 -32.66 9.65
CA GLN C 136 -48.73 -32.62 10.70
C GLN C 136 -49.80 -31.57 10.40
N ILE C 137 -49.38 -30.31 10.20
CA ILE C 137 -50.32 -29.21 9.92
C ILE C 137 -51.13 -29.45 8.64
N ASP C 138 -50.46 -29.93 7.59
CA ASP C 138 -51.11 -30.16 6.28
C ASP C 138 -52.33 -31.09 6.36
N GLU C 139 -52.18 -32.18 7.09
CA GLU C 139 -53.18 -33.23 7.16
C GLU C 139 -53.91 -33.29 8.51
N GLU C 140 -53.94 -32.15 9.22
CA GLU C 140 -54.73 -31.99 10.46
C GLU C 140 -55.73 -30.85 10.35
N PHE C 141 -55.47 -29.91 9.45
CA PHE C 141 -56.38 -28.79 9.22
C PHE C 141 -56.99 -28.96 7.84
N GLY C 142 -57.16 -30.22 7.43
CA GLY C 142 -57.74 -30.56 6.13
C GLY C 142 -57.35 -29.60 5.01
N GLY C 143 -56.07 -29.19 5.01
CA GLY C 143 -55.55 -28.29 3.99
C GLY C 143 -56.22 -26.93 3.87
N GLU C 144 -56.76 -26.40 4.98
CA GLU C 144 -57.19 -24.99 5.02
C GLU C 144 -56.06 -24.09 5.59
N VAL C 145 -55.03 -24.75 6.13
CA VAL C 145 -53.79 -24.10 6.58
C VAL C 145 -52.59 -24.80 5.93
N ARG C 146 -51.70 -24.02 5.32
CA ARG C 146 -50.42 -24.54 4.82
C ARG C 146 -49.44 -24.75 5.98
N GLY C 147 -48.75 -25.89 5.99
CA GLY C 147 -47.70 -26.13 6.99
C GLY C 147 -46.41 -25.34 6.72
N PHE C 148 -46.05 -25.22 5.44
CA PHE C 148 -44.86 -24.46 5.04
C PHE C 148 -44.95 -23.95 3.61
N ILE C 149 -44.72 -22.66 3.44
CA ILE C 149 -44.65 -22.06 2.11
C ILE C 149 -43.39 -21.21 1.97
N THR C 150 -42.74 -21.31 0.82
CA THR C 150 -41.82 -20.28 0.35
C THR C 150 -41.93 -20.22 -1.17
N SER C 151 -41.21 -19.31 -1.80
CA SER C 151 -41.25 -19.14 -3.27
C SER C 151 -40.38 -20.21 -3.90
N ALA C 152 -41.03 -21.32 -4.25
CA ALA C 152 -40.37 -22.59 -4.56
C ALA C 152 -39.45 -22.57 -5.75
N ALA C 153 -39.75 -21.72 -6.75
CA ALA C 153 -38.94 -21.65 -7.96
C ALA C 153 -38.09 -20.35 -8.08
N GLU C 154 -38.03 -19.57 -7.02
CA GLU C 154 -37.25 -18.31 -6.99
C GLU C 154 -35.90 -18.47 -6.29
N PHE C 155 -34.82 -18.27 -7.03
CA PHE C 155 -33.45 -18.47 -6.54
C PHE C 155 -33.17 -17.78 -5.20
N TYR C 156 -33.66 -16.54 -5.05
CA TYR C 156 -33.42 -15.78 -3.84
C TYR C 156 -33.85 -16.57 -2.63
N TYR C 157 -35.02 -17.22 -2.74
CA TYR C 157 -35.65 -17.95 -1.63
C TYR C 157 -35.14 -19.37 -1.41
N ILE C 158 -34.50 -19.93 -2.43
CA ILE C 158 -33.92 -21.29 -2.35
C ILE C 158 -32.43 -21.24 -1.99
N ALA C 159 -31.82 -20.06 -2.12
CA ALA C 159 -30.39 -19.86 -1.85
C ALA C 159 -29.88 -20.33 -0.46
N PRO C 160 -30.69 -20.16 0.61
CA PRO C 160 -30.23 -20.63 1.92
C PRO C 160 -29.86 -22.12 1.94
N PHE C 161 -30.60 -22.90 1.18
CA PHE C 161 -30.36 -24.35 1.08
C PHE C 161 -29.15 -24.63 0.21
N ILE C 162 -29.09 -23.95 -0.94
CA ILE C 162 -27.97 -24.06 -1.87
C ILE C 162 -26.65 -23.64 -1.16
N PHE C 163 -26.66 -22.48 -0.52
CA PHE C 163 -25.46 -21.97 0.14
C PHE C 163 -25.12 -22.74 1.43
N GLY C 164 -26.12 -23.08 2.23
CA GLY C 164 -25.93 -23.94 3.43
C GLY C 164 -25.09 -25.18 3.20
N TYR C 165 -25.29 -25.84 2.06
CA TYR C 165 -24.59 -27.07 1.78
C TYR C 165 -23.29 -26.85 1.02
N GLY C 166 -22.95 -25.60 0.68
CA GLY C 166 -21.66 -25.35 0.01
C GLY C 166 -21.75 -24.91 -1.44
N GLY C 167 -22.95 -24.67 -1.95
CA GLY C 167 -23.09 -24.02 -3.23
C GLY C 167 -22.62 -22.58 -3.04
N TYR C 168 -22.28 -21.93 -4.14
CA TYR C 168 -21.87 -20.51 -4.15
C TYR C 168 -22.06 -19.98 -5.57
N VAL C 169 -22.28 -18.66 -5.71
CA VAL C 169 -22.41 -18.04 -7.04
C VAL C 169 -21.01 -17.90 -7.65
N PHE C 170 -20.21 -16.98 -7.09
CA PHE C 170 -18.83 -16.76 -7.48
C PHE C 170 -17.98 -17.05 -6.28
N LYS C 171 -16.87 -17.77 -6.45
CA LYS C 171 -16.05 -18.21 -5.31
C LYS C 171 -15.50 -17.01 -4.50
N GLN C 172 -15.82 -16.95 -3.20
CA GLN C 172 -15.27 -15.92 -2.30
C GLN C 172 -13.82 -16.27 -1.98
N THR C 173 -12.87 -15.44 -2.42
CA THR C 173 -11.45 -15.64 -2.09
C THR C 173 -10.87 -14.43 -1.33
N GLU C 174 -9.63 -14.57 -0.84
CA GLU C 174 -8.93 -13.44 -0.16
C GLU C 174 -8.62 -12.25 -1.13
N LYS C 175 -8.66 -12.49 -2.43
CA LYS C 175 -8.53 -11.41 -3.42
C LYS C 175 -9.85 -11.03 -4.11
N GLY C 176 -10.97 -11.38 -3.50
CA GLY C 176 -12.29 -11.00 -3.99
C GLY C 176 -13.04 -12.13 -4.66
N LEU C 177 -14.17 -11.80 -5.26
CA LEU C 177 -14.99 -12.80 -5.98
C LEU C 177 -14.36 -13.23 -7.28
N ASP C 178 -14.23 -14.55 -7.47
CA ASP C 178 -13.70 -15.11 -8.74
C ASP C 178 -14.88 -15.46 -9.64
N VAL C 179 -15.18 -14.57 -10.59
CA VAL C 179 -16.33 -14.74 -11.48
C VAL C 179 -16.19 -15.86 -12.50
N ASN C 180 -14.98 -16.40 -12.66
CA ASN C 180 -14.72 -17.59 -13.49
C ASN C 180 -14.79 -18.91 -12.69
N ASP C 181 -15.25 -18.87 -11.44
CA ASP C 181 -15.42 -20.07 -10.60
C ASP C 181 -16.80 -19.98 -9.98
N ILE C 182 -17.75 -20.58 -10.69
CA ILE C 182 -19.16 -20.63 -10.35
C ILE C 182 -19.47 -21.96 -9.65
N GLY C 183 -20.19 -21.92 -8.52
CA GLY C 183 -20.45 -23.14 -7.73
C GLY C 183 -21.92 -23.51 -7.62
N LEU C 184 -22.72 -23.05 -8.59
CA LEU C 184 -24.15 -23.27 -8.55
C LEU C 184 -24.60 -24.65 -9.10
N ALA C 185 -23.66 -25.46 -9.58
CA ALA C 185 -23.90 -26.87 -9.95
C ALA C 185 -22.92 -27.80 -9.26
N ASN C 186 -22.38 -27.40 -8.11
CA ASN C 186 -21.45 -28.29 -7.37
C ASN C 186 -22.23 -29.22 -6.44
N GLU C 187 -21.54 -30.14 -5.77
CA GLU C 187 -22.24 -31.12 -4.95
C GLU C 187 -23.17 -30.46 -3.95
N GLY C 188 -22.75 -29.35 -3.34
CA GLY C 188 -23.58 -28.71 -2.33
C GLY C 188 -24.83 -28.09 -2.92
N ALA C 189 -24.67 -27.48 -4.10
CA ALA C 189 -25.79 -26.82 -4.76
C ALA C 189 -26.84 -27.84 -5.17
N ILE C 190 -26.39 -28.96 -5.71
CA ILE C 190 -27.25 -30.11 -6.05
C ILE C 190 -28.01 -30.59 -4.81
N LYS C 191 -27.26 -30.83 -3.73
CA LYS C 191 -27.88 -31.25 -2.47
C LYS C 191 -28.93 -30.26 -1.99
N GLY C 192 -28.65 -28.95 -2.10
CA GLY C 192 -29.65 -27.97 -1.68
C GLY C 192 -30.91 -27.98 -2.54
N VAL C 193 -30.73 -28.08 -3.84
CA VAL C 193 -31.90 -28.12 -4.76
C VAL C 193 -32.67 -29.44 -4.64
N LYS C 194 -31.96 -30.52 -4.38
CA LYS C 194 -32.59 -31.81 -4.06
C LYS C 194 -33.45 -31.75 -2.81
N LEU C 195 -33.05 -30.94 -1.81
CA LEU C 195 -33.90 -30.76 -0.63
C LEU C 195 -35.17 -30.05 -1.05
N LEU C 196 -35.07 -29.02 -1.90
CA LEU C 196 -36.26 -28.36 -2.44
C LEU C 196 -37.15 -29.36 -3.22
N LYS C 197 -36.56 -30.09 -4.15
CA LYS C 197 -37.29 -31.12 -4.92
C LYS C 197 -37.99 -32.10 -3.97
N ARG C 198 -37.30 -32.52 -2.92
CA ARG C 198 -37.92 -33.36 -1.88
C ARG C 198 -39.15 -32.71 -1.25
N LEU C 199 -39.07 -31.43 -0.89
CA LEU C 199 -40.21 -30.72 -0.31
C LEU C 199 -41.42 -30.69 -1.28
N VAL C 200 -41.16 -30.65 -2.59
CA VAL C 200 -42.25 -30.70 -3.57
C VAL C 200 -42.79 -32.13 -3.63
N ASP C 201 -41.87 -33.08 -3.81
CA ASP C 201 -42.21 -34.51 -3.93
C ASP C 201 -43.02 -34.98 -2.74
N GLU C 202 -42.65 -34.54 -1.55
CA GLU C 202 -43.36 -34.90 -0.33
C GLU C 202 -44.61 -34.06 -0.09
N GLY C 203 -44.96 -33.17 -1.00
CA GLY C 203 -46.19 -32.42 -0.89
C GLY C 203 -46.22 -31.32 0.16
N ILE C 204 -45.05 -30.91 0.66
CA ILE C 204 -44.97 -29.75 1.56
C ILE C 204 -45.01 -28.46 0.75
N LEU C 205 -44.36 -28.44 -0.39
CA LEU C 205 -44.40 -27.26 -1.26
C LEU C 205 -45.17 -27.58 -2.53
N ASP C 206 -45.91 -26.59 -3.02
CA ASP C 206 -46.55 -26.67 -4.31
C ASP C 206 -45.61 -26.07 -5.34
N PRO C 207 -45.46 -26.72 -6.51
CA PRO C 207 -44.58 -26.17 -7.53
C PRO C 207 -45.04 -24.83 -8.11
N SER C 208 -46.23 -24.36 -7.73
CA SER C 208 -46.72 -23.06 -8.14
C SER C 208 -46.58 -22.00 -7.04
N ASP C 209 -46.03 -22.37 -5.88
CA ASP C 209 -45.84 -21.40 -4.80
C ASP C 209 -44.91 -20.30 -5.24
N ASN C 210 -45.32 -19.06 -4.97
CA ASN C 210 -44.53 -17.89 -5.29
C ASN C 210 -44.59 -16.91 -4.13
N TYR C 211 -44.09 -15.69 -4.31
CA TYR C 211 -44.05 -14.73 -3.19
C TYR C 211 -45.44 -14.35 -2.73
N GLN C 212 -46.25 -13.84 -3.66
CA GLN C 212 -47.65 -13.43 -3.37
C GLN C 212 -48.38 -14.52 -2.59
N ILE C 213 -48.29 -15.75 -3.07
CA ILE C 213 -48.95 -16.86 -2.37
C ILE C 213 -48.45 -17.00 -0.92
N MET C 214 -47.13 -17.12 -0.75
CA MET C 214 -46.52 -17.21 0.60
C MET C 214 -46.91 -16.04 1.52
N ASP C 215 -46.87 -14.84 0.96
CA ASP C 215 -47.06 -13.62 1.75
C ASP C 215 -48.52 -13.48 2.23
N SER C 216 -49.48 -13.61 1.30
CA SER C 216 -50.92 -13.54 1.63
C SER C 216 -51.37 -14.63 2.59
N MET C 217 -51.08 -15.89 2.27
CA MET C 217 -51.54 -16.99 3.12
C MET C 217 -51.10 -16.82 4.57
N PHE C 218 -49.84 -16.46 4.81
CA PHE C 218 -49.35 -16.29 6.18
C PHE C 218 -49.99 -15.10 6.90
N ARG C 219 -50.08 -13.97 6.21
CA ARG C 219 -50.71 -12.77 6.76
C ARG C 219 -52.17 -13.02 7.17
N GLU C 220 -52.90 -13.75 6.34
CA GLU C 220 -54.33 -14.00 6.55
C GLU C 220 -54.62 -15.24 7.41
N GLY C 221 -53.60 -15.79 8.06
CA GLY C 221 -53.77 -16.88 9.01
C GLY C 221 -53.73 -18.27 8.42
N GLN C 222 -53.49 -18.39 7.11
CA GLN C 222 -53.56 -19.70 6.44
C GLN C 222 -52.18 -20.28 6.07
N ALA C 223 -51.18 -20.03 6.92
CA ALA C 223 -49.84 -20.61 6.77
C ALA C 223 -49.11 -20.64 8.10
N ALA C 224 -48.60 -21.80 8.49
CA ALA C 224 -47.93 -21.97 9.78
C ALA C 224 -46.47 -21.49 9.80
N MET C 225 -45.74 -21.74 8.72
CA MET C 225 -44.34 -21.34 8.60
C MET C 225 -44.08 -20.83 7.21
N ILE C 226 -43.30 -19.76 7.12
CA ILE C 226 -42.73 -19.27 5.85
C ILE C 226 -41.28 -18.84 6.07
N ILE C 227 -40.62 -18.51 4.97
CA ILE C 227 -39.29 -17.91 5.01
C ILE C 227 -39.39 -16.57 4.26
N ASN C 228 -39.24 -15.48 4.99
CA ASN C 228 -39.44 -14.15 4.45
C ASN C 228 -38.60 -13.14 5.26
N GLY C 229 -38.49 -11.91 4.76
CA GLY C 229 -37.60 -10.90 5.32
C GLY C 229 -38.32 -9.87 6.19
N PRO C 230 -37.55 -8.95 6.79
CA PRO C 230 -38.10 -7.96 7.73
C PRO C 230 -39.12 -6.98 7.13
N TRP C 231 -39.04 -6.74 5.84
CA TRP C 231 -40.03 -5.94 5.13
C TRP C 231 -41.49 -6.44 5.23
N ALA C 232 -41.68 -7.70 5.63
CA ALA C 232 -43.02 -8.34 5.66
C ALA C 232 -43.74 -8.26 7.02
N ILE C 233 -42.97 -8.08 8.07
CA ILE C 233 -43.41 -8.28 9.45
C ILE C 233 -44.57 -7.36 9.88
N LYS C 234 -44.52 -6.09 9.47
CA LYS C 234 -45.53 -5.08 9.85
C LYS C 234 -46.92 -5.46 9.36
N ALA C 235 -47.01 -5.80 8.07
CA ALA C 235 -48.27 -6.29 7.48
C ALA C 235 -48.84 -7.49 8.25
N TYR C 236 -47.95 -8.32 8.81
CA TYR C 236 -48.41 -9.49 9.57
C TYR C 236 -48.99 -9.06 10.90
N LYS C 237 -48.21 -8.31 11.66
CA LYS C 237 -48.66 -7.78 12.96
C LYS C 237 -49.99 -7.03 12.82
N ASP C 238 -50.11 -6.27 11.72
CA ASP C 238 -51.31 -5.46 11.42
C ASP C 238 -52.55 -6.26 11.03
N ALA C 239 -52.35 -7.52 10.63
CA ALA C 239 -53.46 -8.45 10.41
C ALA C 239 -53.65 -9.32 11.64
N GLY C 240 -52.94 -9.00 12.72
CA GLY C 240 -53.13 -9.67 14.00
C GLY C 240 -52.54 -11.07 14.09
N ILE C 241 -51.49 -11.35 13.32
CA ILE C 241 -50.82 -12.64 13.42
C ILE C 241 -49.88 -12.64 14.61
N ASP C 242 -49.89 -13.72 15.39
CA ASP C 242 -48.98 -13.90 16.50
C ASP C 242 -47.75 -14.65 16.02
N TYR C 243 -46.92 -13.91 15.27
CA TYR C 243 -45.76 -14.45 14.57
C TYR C 243 -44.54 -14.45 15.49
N GLY C 244 -43.64 -15.42 15.26
CA GLY C 244 -42.29 -15.39 15.83
C GLY C 244 -41.32 -15.39 14.67
N VAL C 245 -40.04 -15.11 14.96
CA VAL C 245 -38.96 -15.13 13.94
C VAL C 245 -37.76 -15.89 14.46
N ALA C 246 -37.26 -16.81 13.65
CA ALA C 246 -36.11 -17.61 14.04
C ALA C 246 -35.26 -17.84 12.81
N PRO C 247 -34.00 -18.21 13.01
CA PRO C 247 -33.22 -18.63 11.87
C PRO C 247 -33.89 -19.78 11.13
N ILE C 248 -33.65 -19.85 9.82
CA ILE C 248 -34.05 -21.02 9.07
C ILE C 248 -33.43 -22.23 9.75
N PRO C 249 -34.24 -23.30 9.96
CA PRO C 249 -33.71 -24.45 10.68
C PRO C 249 -32.47 -25.02 10.03
N ASP C 250 -31.52 -25.45 10.85
CA ASP C 250 -30.29 -26.02 10.32
C ASP C 250 -30.57 -27.17 9.34
N LEU C 251 -29.74 -27.26 8.31
CA LEU C 251 -29.94 -28.27 7.26
C LEU C 251 -29.55 -29.64 7.80
N GLU C 252 -28.43 -29.68 8.50
CA GLU C 252 -27.93 -30.84 9.23
C GLU C 252 -27.33 -30.27 10.54
N PRO C 253 -27.09 -31.14 11.54
CA PRO C 253 -26.46 -30.62 12.76
C PRO C 253 -25.12 -30.02 12.40
N GLY C 254 -24.90 -28.79 12.83
CA GLY C 254 -23.69 -28.03 12.50
C GLY C 254 -23.63 -27.42 11.10
N VAL C 255 -24.73 -27.50 10.35
CA VAL C 255 -24.78 -27.06 8.95
C VAL C 255 -25.95 -26.09 8.83
N PRO C 256 -25.68 -24.82 9.10
CA PRO C 256 -26.75 -23.85 9.07
C PRO C 256 -27.16 -23.46 7.65
N ALA C 257 -28.39 -22.98 7.55
CA ALA C 257 -28.87 -22.35 6.34
C ALA C 257 -28.08 -21.03 6.18
N ARG C 258 -27.90 -20.56 4.95
CA ARG C 258 -27.10 -19.37 4.71
C ARG C 258 -27.75 -18.61 3.56
N PRO C 259 -28.66 -17.68 3.89
CA PRO C 259 -29.41 -16.95 2.90
C PRO C 259 -28.58 -15.85 2.23
N PHE C 260 -29.08 -15.27 1.12
CA PHE C 260 -28.55 -14.00 0.64
C PHE C 260 -28.68 -12.91 1.71
N VAL C 261 -27.69 -12.01 1.72
CA VAL C 261 -27.71 -10.83 2.56
C VAL C 261 -27.48 -9.55 1.74
N GLY C 262 -28.33 -8.56 2.00
CA GLY C 262 -28.15 -7.21 1.52
C GLY C 262 -27.70 -6.33 2.68
N VAL C 263 -26.82 -5.40 2.39
CA VAL C 263 -26.14 -4.59 3.36
C VAL C 263 -26.14 -3.14 2.87
N GLN C 264 -26.40 -2.21 3.80
CA GLN C 264 -26.29 -0.78 3.59
C GLN C 264 -25.09 -0.26 4.38
N GLY C 265 -24.38 0.71 3.83
CA GLY C 265 -23.15 1.21 4.42
C GLY C 265 -22.76 2.60 3.96
N PHE C 266 -21.74 3.14 4.64
CA PHE C 266 -21.15 4.44 4.29
C PHE C 266 -19.91 4.22 3.47
N MET C 267 -19.70 5.10 2.50
CA MET C 267 -18.54 4.98 1.61
C MET C 267 -17.91 6.35 1.39
N VAL C 268 -16.60 6.37 1.17
CA VAL C 268 -15.87 7.61 1.00
C VAL C 268 -15.58 7.87 -0.49
N ASN C 269 -15.94 9.05 -0.94
CA ASN C 269 -15.62 9.55 -2.27
C ASN C 269 -14.13 9.61 -2.58
N ALA C 270 -13.66 8.74 -3.47
CA ALA C 270 -12.24 8.69 -3.85
C ALA C 270 -11.68 9.98 -4.53
N LYS C 271 -12.57 10.80 -5.08
CA LYS C 271 -12.18 12.02 -5.77
C LYS C 271 -12.33 13.27 -4.87
N SER C 272 -12.48 13.08 -3.56
CA SER C 272 -12.61 14.18 -2.62
C SER C 272 -11.24 14.71 -2.23
N PRO C 273 -11.03 16.04 -2.30
CA PRO C 273 -9.86 16.68 -1.72
C PRO C 273 -9.57 16.18 -0.31
N ASN C 274 -10.60 16.03 0.51
CA ASN C 274 -10.43 15.75 1.94
C ASN C 274 -10.80 14.30 2.33
N LYS C 275 -10.42 13.35 1.49
CA LYS C 275 -10.87 12.00 1.71
C LYS C 275 -10.20 11.38 2.94
N LEU C 276 -8.97 11.77 3.28
CA LEU C 276 -8.32 11.31 4.53
C LEU C 276 -9.08 11.76 5.77
N LEU C 277 -9.57 12.98 5.71
CA LEU C 277 -10.38 13.57 6.75
C LEU C 277 -11.72 12.82 6.76
N ALA C 278 -12.26 12.57 5.58
CA ALA C 278 -13.49 11.76 5.50
C ALA C 278 -13.31 10.38 6.17
N ILE C 279 -12.17 9.75 5.98
CA ILE C 279 -11.90 8.42 6.52
C ILE C 279 -11.79 8.47 8.06
N GLU C 280 -11.20 9.54 8.59
CA GLU C 280 -11.17 9.73 10.03
C GLU C 280 -12.56 9.87 10.62
N PHE C 281 -13.39 10.76 10.05
CA PHE C 281 -14.76 10.90 10.53
C PHE C 281 -15.49 9.54 10.43
N LEU C 282 -15.31 8.85 9.32
CA LEU C 282 -15.97 7.54 9.16
C LEU C 282 -15.52 6.46 10.21
N THR C 283 -14.21 6.30 10.41
CA THR C 283 -13.72 5.20 11.24
C THR C 283 -13.73 5.51 12.75
N SER C 284 -13.43 6.76 13.12
CA SER C 284 -13.38 7.18 14.53
C SER C 284 -14.67 7.75 15.09
N PHE C 285 -15.65 8.08 14.25
CA PHE C 285 -16.89 8.67 14.75
C PHE C 285 -18.11 7.87 14.27
N ILE C 286 -18.26 7.71 12.96
CA ILE C 286 -19.42 7.01 12.45
C ILE C 286 -19.41 5.53 12.84
N ALA C 287 -18.23 4.91 12.85
CA ALA C 287 -18.14 3.44 12.95
C ALA C 287 -18.35 2.93 14.35
N LYS C 288 -18.23 3.84 15.31
CA LYS C 288 -18.26 3.51 16.73
C LYS C 288 -19.54 2.84 17.18
N LYS C 289 -19.38 1.97 18.19
CA LYS C 289 -20.47 1.22 18.77
C LYS C 289 -21.64 2.07 19.16
N GLU C 290 -21.34 3.16 19.84
CA GLU C 290 -22.35 4.03 20.35
C GLU C 290 -23.11 4.72 19.23
N THR C 291 -22.39 5.11 18.18
CA THR C 291 -23.02 5.77 17.03
C THR C 291 -23.94 4.77 16.32
N MET C 292 -23.41 3.58 16.06
CA MET C 292 -24.17 2.50 15.44
C MET C 292 -25.43 2.10 16.23
N TYR C 293 -25.32 2.11 17.56
CA TYR C 293 -26.48 1.93 18.45
C TYR C 293 -27.52 3.03 18.26
N ARG C 294 -27.10 4.29 18.27
CA ARG C 294 -28.07 5.37 18.00
C ARG C 294 -28.70 5.24 16.62
N ILE C 295 -27.89 4.86 15.63
CA ILE C 295 -28.36 4.66 14.26
C ILE C 295 -29.48 3.61 14.25
N TYR C 296 -29.22 2.48 14.90
CA TYR C 296 -30.23 1.43 15.10
C TYR C 296 -31.49 1.98 15.73
N LEU C 297 -31.34 2.74 16.81
CA LEU C 297 -32.51 3.28 17.48
C LEU C 297 -33.31 4.21 16.57
N GLY C 298 -32.63 4.97 15.72
CA GLY C 298 -33.30 5.89 14.78
C GLY C 298 -33.90 5.22 13.54
N ASP C 299 -33.43 4.01 13.20
CA ASP C 299 -34.02 3.24 12.11
C ASP C 299 -33.65 1.77 12.30
N PRO C 300 -34.46 1.01 13.08
CA PRO C 300 -34.18 -0.37 13.51
C PRO C 300 -34.01 -1.45 12.43
N ARG C 301 -32.99 -1.30 11.59
CA ARG C 301 -32.60 -2.32 10.65
C ARG C 301 -31.59 -3.24 11.33
N LEU C 302 -31.52 -4.50 10.90
CA LEU C 302 -30.57 -5.44 11.48
C LEU C 302 -29.17 -4.84 11.55
N PRO C 303 -28.57 -4.84 12.76
CA PRO C 303 -27.31 -4.13 12.96
C PRO C 303 -26.12 -4.78 12.26
N SER C 304 -25.13 -3.99 11.89
CA SER C 304 -23.92 -4.53 11.27
C SER C 304 -22.87 -4.97 12.30
N ARG C 305 -23.10 -4.62 13.56
CA ARG C 305 -22.19 -4.91 14.65
C ARG C 305 -22.79 -5.91 15.66
N LYS C 306 -21.95 -6.87 16.02
CA LYS C 306 -22.27 -7.92 17.00
C LYS C 306 -22.58 -7.36 18.37
N ASP C 307 -21.76 -6.40 18.80
CA ASP C 307 -21.93 -5.77 20.11
C ASP C 307 -23.14 -4.84 20.15
N VAL C 308 -23.59 -4.32 19.01
CA VAL C 308 -24.83 -3.58 18.96
C VAL C 308 -26.05 -4.51 19.07
N LEU C 309 -25.99 -5.66 18.41
CA LEU C 309 -27.07 -6.64 18.51
C LEU C 309 -27.32 -7.08 19.97
N GLU C 310 -26.24 -7.33 20.70
CA GLU C 310 -26.33 -7.59 22.14
C GLU C 310 -27.07 -6.50 22.94
N LEU C 311 -26.88 -5.23 22.57
CA LEU C 311 -27.57 -4.13 23.26
C LEU C 311 -29.05 -4.00 22.90
N VAL C 312 -29.49 -4.64 21.82
CA VAL C 312 -30.87 -4.51 21.35
C VAL C 312 -31.61 -5.85 21.31
N LYS C 313 -31.00 -6.89 21.89
CA LYS C 313 -31.47 -8.28 21.74
C LYS C 313 -32.83 -8.59 22.38
N ASP C 314 -33.42 -7.67 23.14
CA ASP C 314 -34.70 -7.95 23.78
C ASP C 314 -35.86 -7.91 22.80
N ASN C 315 -35.67 -7.26 21.65
CA ASN C 315 -36.55 -7.47 20.51
C ASN C 315 -36.22 -8.87 19.97
N PRO C 316 -37.17 -9.82 20.07
CA PRO C 316 -36.85 -11.20 19.65
C PRO C 316 -36.75 -11.34 18.12
N ASP C 317 -37.44 -10.46 17.39
CA ASP C 317 -37.41 -10.48 15.94
C ASP C 317 -36.01 -10.13 15.39
N VAL C 318 -35.37 -9.11 15.95
CA VAL C 318 -34.06 -8.67 15.45
C VAL C 318 -33.04 -9.76 15.67
N VAL C 319 -33.17 -10.49 16.78
CA VAL C 319 -32.23 -11.56 17.06
C VAL C 319 -32.36 -12.69 16.02
N GLY C 320 -33.59 -13.00 15.62
CA GLY C 320 -33.84 -14.10 14.69
C GLY C 320 -33.32 -13.77 13.31
N PHE C 321 -33.68 -12.59 12.80
CA PHE C 321 -33.19 -12.12 11.49
C PHE C 321 -31.67 -11.92 11.42
N THR C 322 -31.12 -11.32 12.48
CA THR C 322 -29.71 -10.99 12.50
C THR C 322 -28.85 -12.22 12.52
N LEU C 323 -29.22 -13.21 13.32
CA LEU C 323 -28.54 -14.52 13.31
C LEU C 323 -28.53 -15.16 11.93
N SER C 324 -29.66 -15.06 11.20
CA SER C 324 -29.78 -15.64 9.86
C SER C 324 -28.84 -14.88 8.95
N ALA C 325 -28.90 -13.55 9.01
CA ALA C 325 -28.08 -12.69 8.15
C ALA C 325 -26.59 -12.92 8.41
N ALA C 326 -26.22 -13.05 9.68
CA ALA C 326 -24.82 -13.35 10.06
C ALA C 326 -24.28 -14.64 9.43
N ASN C 327 -25.17 -15.61 9.19
CA ASN C 327 -24.81 -16.84 8.49
C ASN C 327 -24.90 -16.70 6.96
N GLY C 328 -25.36 -15.56 6.47
CA GLY C 328 -25.70 -15.40 5.08
C GLY C 328 -24.53 -15.03 4.18
N ILE C 329 -24.81 -15.00 2.89
CA ILE C 329 -23.82 -14.76 1.85
C ILE C 329 -24.24 -13.46 1.19
N PRO C 330 -23.33 -12.49 1.07
CA PRO C 330 -23.73 -11.23 0.38
C PRO C 330 -24.12 -11.49 -1.06
N MET C 331 -25.18 -10.84 -1.52
CA MET C 331 -25.51 -10.85 -2.94
C MET C 331 -24.30 -10.27 -3.65
N PRO C 332 -23.68 -11.06 -4.55
CA PRO C 332 -22.43 -10.61 -5.22
C PRO C 332 -22.55 -9.17 -5.79
N ASN C 333 -21.61 -8.31 -5.39
CA ASN C 333 -21.66 -6.88 -5.68
C ASN C 333 -20.95 -6.50 -6.99
N VAL C 334 -21.01 -7.41 -7.97
CA VAL C 334 -20.42 -7.24 -9.29
C VAL C 334 -21.48 -7.31 -10.41
N PRO C 335 -21.21 -6.68 -11.57
CA PRO C 335 -22.14 -6.68 -12.69
C PRO C 335 -22.51 -8.08 -13.25
N GLN C 336 -21.57 -9.01 -13.18
CA GLN C 336 -21.84 -10.37 -13.62
C GLN C 336 -23.00 -11.03 -12.86
N MET C 337 -23.41 -10.50 -11.70
CA MET C 337 -24.54 -11.12 -10.99
C MET C 337 -25.85 -11.02 -11.81
N ALA C 338 -25.92 -10.01 -12.68
CA ALA C 338 -27.16 -9.64 -13.33
C ALA C 338 -27.80 -10.79 -14.11
N ALA C 339 -26.96 -11.60 -14.76
CA ALA C 339 -27.39 -12.76 -15.55
C ALA C 339 -27.81 -13.99 -14.69
N VAL C 340 -27.31 -14.03 -13.44
CA VAL C 340 -27.46 -15.20 -12.59
C VAL C 340 -28.89 -15.44 -12.18
N TRP C 341 -29.60 -14.36 -11.83
CA TRP C 341 -30.95 -14.49 -11.30
C TRP C 341 -31.88 -15.25 -12.24
N ALA C 342 -31.85 -14.88 -13.52
CA ALA C 342 -32.82 -15.41 -14.49
C ALA C 342 -32.59 -16.88 -14.74
N ALA C 343 -31.33 -17.22 -15.03
CA ALA C 343 -30.91 -18.58 -15.27
C ALA C 343 -31.18 -19.52 -14.08
N MET C 344 -31.04 -19.02 -12.86
CA MET C 344 -31.31 -19.86 -11.67
C MET C 344 -32.80 -20.00 -11.44
N ASN C 345 -33.55 -18.92 -11.61
CA ASN C 345 -34.99 -18.99 -11.53
C ASN C 345 -35.58 -19.99 -12.55
N ASP C 346 -35.02 -20.03 -13.75
CA ASP C 346 -35.52 -20.93 -14.79
C ASP C 346 -35.17 -22.40 -14.50
N ALA C 347 -33.94 -22.63 -14.03
CA ALA C 347 -33.52 -23.94 -13.59
C ALA C 347 -34.45 -24.49 -12.50
N LEU C 348 -34.77 -23.67 -11.52
CA LEU C 348 -35.58 -24.14 -10.41
C LEU C 348 -37.02 -24.39 -10.86
N ASN C 349 -37.53 -23.54 -11.75
CA ASN C 349 -38.86 -23.76 -12.35
C ASN C 349 -38.95 -25.13 -13.03
N LEU C 350 -37.92 -25.50 -13.77
CA LEU C 350 -37.86 -26.78 -14.47
C LEU C 350 -37.74 -27.98 -13.52
N VAL C 351 -37.02 -27.76 -12.41
CA VAL C 351 -36.85 -28.79 -11.35
C VAL C 351 -38.18 -29.08 -10.65
N VAL C 352 -38.84 -28.03 -10.17
CA VAL C 352 -40.07 -28.24 -9.43
C VAL C 352 -41.27 -28.68 -10.29
N ASN C 353 -41.15 -28.60 -11.61
CA ASN C 353 -42.24 -29.01 -12.52
C ASN C 353 -41.95 -30.35 -13.21
N GLY C 354 -40.89 -31.03 -12.76
CA GLY C 354 -40.49 -32.34 -13.26
C GLY C 354 -40.01 -32.37 -14.69
N LYS C 355 -39.44 -31.26 -15.15
CA LYS C 355 -39.03 -31.16 -16.56
C LYS C 355 -37.58 -31.53 -16.70
N ALA C 356 -36.78 -31.09 -15.75
CA ALA C 356 -35.35 -31.33 -15.74
C ALA C 356 -34.94 -31.86 -14.37
N THR C 357 -33.90 -32.68 -14.35
CA THR C 357 -33.40 -33.17 -13.09
C THR C 357 -32.56 -32.06 -12.47
N VAL C 358 -32.29 -32.20 -11.18
CA VAL C 358 -31.50 -31.21 -10.47
C VAL C 358 -30.17 -31.05 -11.15
N GLU C 359 -29.51 -32.18 -11.43
CA GLU C 359 -28.17 -32.15 -11.98
C GLU C 359 -28.11 -31.44 -13.31
N GLU C 360 -29.10 -31.72 -14.17
CA GLU C 360 -29.11 -31.22 -15.54
C GLU C 360 -29.54 -29.75 -15.55
N ALA C 361 -30.55 -29.43 -14.75
CA ALA C 361 -31.05 -28.07 -14.65
C ALA C 361 -29.91 -27.13 -14.20
N LEU C 362 -29.14 -27.55 -13.20
CA LEU C 362 -28.06 -26.71 -12.68
C LEU C 362 -26.83 -26.67 -13.57
N LYS C 363 -26.45 -27.78 -14.20
CA LYS C 363 -25.34 -27.74 -15.17
C LYS C 363 -25.67 -26.79 -16.30
N ASN C 364 -26.93 -26.77 -16.71
CA ASN C 364 -27.37 -25.92 -17.83
C ASN C 364 -27.49 -24.45 -17.43
N ALA C 365 -27.90 -24.21 -16.19
CA ALA C 365 -27.96 -22.84 -15.65
C ALA C 365 -26.58 -22.21 -15.70
N VAL C 366 -25.58 -22.96 -15.26
CA VAL C 366 -24.21 -22.51 -15.21
C VAL C 366 -23.59 -22.28 -16.59
N GLU C 367 -23.95 -23.12 -17.57
CA GLU C 367 -23.50 -22.94 -18.98
C GLU C 367 -24.05 -21.63 -19.53
N ARG C 368 -25.29 -21.33 -19.19
CA ARG C 368 -25.96 -20.13 -19.65
C ARG C 368 -25.36 -18.88 -19.00
N ILE C 369 -24.95 -19.01 -17.74
CA ILE C 369 -24.38 -17.90 -16.99
C ILE C 369 -22.98 -17.62 -17.51
N LYS C 370 -22.17 -18.67 -17.62
CA LYS C 370 -20.79 -18.56 -18.08
C LYS C 370 -20.66 -17.95 -19.48
N ALA C 371 -21.65 -18.20 -20.32
CA ALA C 371 -21.72 -17.64 -21.67
C ALA C 371 -22.19 -16.18 -21.70
N GLN C 372 -23.10 -15.83 -20.79
CA GLN C 372 -23.62 -14.49 -20.69
C GLN C 372 -22.59 -13.56 -20.01
N ILE C 373 -21.64 -14.14 -19.26
CA ILE C 373 -20.56 -13.40 -18.58
C ILE C 373 -19.43 -13.02 -19.56
N GLN C 374 -19.59 -13.36 -20.83
CA GLN C 374 -18.58 -12.99 -21.82
C GLN C 374 -19.16 -11.99 -22.82
#